data_2RGF
#
_entry.id   2RGF
#
_cell.length_a   1.000
_cell.length_b   1.000
_cell.length_c   1.000
_cell.angle_alpha   90.00
_cell.angle_beta   90.00
_cell.angle_gamma   90.00
#
_symmetry.space_group_name_H-M   'P 1'
#
_entity_poly.entity_id   1
_entity_poly.type   'polypeptide(L)'
_entity_poly.pdbx_seq_one_letter_code
;ALPLYNQQVGDCCIIRVSLDVDNGNMYKSILVTSQDKAPAVIRKAMDKHNLEEEEPEDYELLQILSDDRKLKIPENANVF
YAMNSTANYDFVLKKRT
;
_entity_poly.pdbx_strand_id   A
#
# COMPACT_ATOMS: atom_id res chain seq x y z
N ALA A 1 -25.58 -11.43 0.91
CA ALA A 1 -25.73 -10.01 1.32
C ALA A 1 -25.30 -9.06 0.19
N LEU A 2 -24.04 -9.14 -0.22
CA LEU A 2 -23.51 -8.29 -1.29
C LEU A 2 -22.57 -9.08 -2.20
N PRO A 3 -22.42 -8.64 -3.47
CA PRO A 3 -21.55 -9.30 -4.44
C PRO A 3 -20.08 -8.93 -4.24
N LEU A 4 -19.21 -9.46 -5.12
CA LEU A 4 -17.77 -9.18 -5.05
C LEU A 4 -17.49 -7.71 -5.34
N TYR A 5 -16.24 -7.28 -5.06
CA TYR A 5 -15.82 -5.89 -5.29
C TYR A 5 -16.12 -5.45 -6.72
N ASN A 6 -17.11 -4.58 -6.88
CA ASN A 6 -17.50 -4.07 -8.19
C ASN A 6 -17.59 -2.54 -8.18
N GLN A 7 -18.51 -2.02 -7.36
CA GLN A 7 -18.70 -0.57 -7.24
C GLN A 7 -18.57 -0.14 -5.78
N GLN A 8 -17.37 0.32 -5.41
CA GLN A 8 -17.10 0.77 -4.04
C GLN A 8 -16.78 2.26 -4.01
N VAL A 9 -17.70 3.05 -3.47
CA VAL A 9 -17.52 4.50 -3.37
C VAL A 9 -17.95 5.01 -1.99
N GLY A 10 -16.97 5.39 -1.18
CA GLY A 10 -17.26 5.88 0.16
C GLY A 10 -16.04 6.40 0.88
N ASP A 11 -15.89 6.02 2.15
CA ASP A 11 -14.76 6.46 2.96
C ASP A 11 -13.75 5.32 3.17
N CYS A 12 -13.41 4.62 2.08
CA CYS A 12 -12.46 3.51 2.14
C CYS A 12 -12.04 3.05 0.74
N CYS A 13 -11.03 2.19 0.68
CA CYS A 13 -10.52 1.66 -0.58
C CYS A 13 -9.75 0.36 -0.36
N ILE A 14 -9.05 -0.11 -1.40
CA ILE A 14 -8.27 -1.35 -1.30
C ILE A 14 -6.81 -1.13 -1.70
N ILE A 15 -5.96 -2.09 -1.39
CA ILE A 15 -4.54 -2.00 -1.70
C ILE A 15 -3.91 -3.39 -1.91
N ARG A 16 -2.85 -3.43 -2.72
CA ARG A 16 -2.13 -4.68 -3.00
C ARG A 16 -0.65 -4.45 -2.74
N VAL A 17 -0.24 -4.63 -1.49
CA VAL A 17 1.15 -4.43 -1.08
C VAL A 17 2.07 -5.59 -1.47
N SER A 18 3.35 -5.27 -1.67
CA SER A 18 4.36 -6.27 -2.04
C SER A 18 5.73 -5.86 -1.52
N LEU A 19 6.34 -6.72 -0.70
CA LEU A 19 7.66 -6.44 -0.14
C LEU A 19 8.76 -6.93 -1.08
N ASP A 20 9.79 -6.10 -1.29
CA ASP A 20 10.90 -6.45 -2.17
C ASP A 20 12.18 -5.71 -1.79
N VAL A 21 12.76 -6.06 -0.65
CA VAL A 21 13.99 -5.42 -0.17
C VAL A 21 14.80 -6.40 0.69
N ASP A 22 14.42 -6.52 1.96
CA ASP A 22 15.11 -7.41 2.89
C ASP A 22 14.29 -8.69 3.14
N ASN A 23 13.00 -8.66 2.77
CA ASN A 23 12.12 -9.81 2.96
C ASN A 23 11.34 -10.10 1.67
N GLY A 24 11.74 -11.16 0.97
CA GLY A 24 11.07 -11.52 -0.28
C GLY A 24 9.76 -12.24 -0.04
N ASN A 25 8.72 -11.48 0.31
CA ASN A 25 7.39 -12.04 0.57
C ASN A 25 6.47 -11.85 -0.63
N MET A 26 5.42 -12.66 -0.70
CA MET A 26 4.45 -12.61 -1.79
C MET A 26 3.50 -11.41 -1.63
N TYR A 27 2.72 -11.13 -2.69
CA TYR A 27 1.76 -10.03 -2.68
C TYR A 27 0.71 -10.20 -1.59
N LYS A 28 0.29 -9.09 -0.99
CA LYS A 28 -0.73 -9.11 0.06
C LYS A 28 -1.65 -7.91 -0.08
N SER A 29 -2.96 -8.13 0.04
CA SER A 29 -3.93 -7.04 -0.08
C SER A 29 -4.17 -6.37 1.28
N ILE A 30 -4.25 -5.04 1.25
CA ILE A 30 -4.48 -4.26 2.46
C ILE A 30 -5.67 -3.30 2.28
N LEU A 31 -6.42 -3.09 3.35
CA LEU A 31 -7.58 -2.20 3.31
C LEU A 31 -7.15 -0.73 3.41
N VAL A 32 -7.91 0.15 2.74
CA VAL A 32 -7.60 1.58 2.74
C VAL A 32 -8.78 2.39 3.29
N THR A 33 -8.46 3.51 3.93
CA THR A 33 -9.47 4.39 4.50
C THR A 33 -9.58 5.70 3.71
N SER A 34 -10.57 6.52 4.05
CA SER A 34 -10.78 7.80 3.37
C SER A 34 -9.57 8.72 3.55
N GLN A 35 -9.12 8.87 4.79
CA GLN A 35 -7.97 9.73 5.09
C GLN A 35 -6.75 8.89 5.50
N ASP A 36 -6.42 7.90 4.68
CA ASP A 36 -5.28 7.03 4.95
C ASP A 36 -3.96 7.80 4.84
N LYS A 37 -2.98 7.42 5.67
CA LYS A 37 -1.67 8.07 5.67
C LYS A 37 -0.53 7.05 5.67
N ALA A 38 0.69 7.54 5.39
CA ALA A 38 1.88 6.69 5.37
C ALA A 38 1.93 5.71 6.54
N PRO A 39 1.90 6.21 7.80
CA PRO A 39 1.95 5.36 9.00
C PRO A 39 0.93 4.22 8.94
N ALA A 40 -0.27 4.52 8.46
CA ALA A 40 -1.33 3.53 8.35
C ALA A 40 -1.02 2.51 7.24
N VAL A 41 -0.46 3.00 6.13
CA VAL A 41 -0.09 2.13 5.01
C VAL A 41 0.90 1.07 5.46
N ILE A 42 2.01 1.49 6.04
CA ILE A 42 3.04 0.58 6.52
C ILE A 42 2.52 -0.28 7.67
N ARG A 43 1.72 0.32 8.55
CA ARG A 43 1.15 -0.40 9.69
C ARG A 43 0.24 -1.52 9.20
N LYS A 44 -0.75 -1.17 8.37
CA LYS A 44 -1.69 -2.15 7.82
C LYS A 44 -0.95 -3.18 6.97
N ALA A 45 0.07 -2.71 6.22
CA ALA A 45 0.87 -3.59 5.37
C ALA A 45 1.67 -4.58 6.20
N MET A 46 2.26 -4.10 7.31
CA MET A 46 3.06 -4.94 8.20
C MET A 46 2.18 -6.04 8.82
N ASP A 47 0.94 -5.69 9.15
CA ASP A 47 0.01 -6.66 9.74
C ASP A 47 -0.20 -7.84 8.78
N LYS A 48 -0.40 -7.53 7.50
CA LYS A 48 -0.58 -8.57 6.49
C LYS A 48 0.75 -9.27 6.19
N HIS A 49 1.83 -8.49 6.20
CA HIS A 49 3.17 -9.02 5.96
C HIS A 49 3.90 -9.26 7.29
N ASN A 50 3.23 -9.94 8.22
CA ASN A 50 3.81 -10.24 9.52
C ASN A 50 4.85 -11.36 9.43
N LEU A 51 5.86 -11.15 8.59
CA LEU A 51 6.93 -12.11 8.39
C LEU A 51 8.28 -11.41 8.28
N GLU A 52 8.80 -10.96 9.43
CA GLU A 52 10.08 -10.24 9.48
C GLU A 52 9.97 -8.89 8.76
N GLU A 53 8.74 -8.38 8.61
CA GLU A 53 8.49 -7.11 7.94
C GLU A 53 7.57 -6.22 8.78
N GLU A 54 7.93 -6.02 10.05
CA GLU A 54 7.14 -5.22 10.97
C GLU A 54 7.90 -3.97 11.42
N GLU A 55 8.02 -2.99 10.52
CA GLU A 55 8.71 -1.73 10.82
C GLU A 55 7.95 -0.55 10.21
N PRO A 56 7.09 0.11 11.00
CA PRO A 56 6.28 1.25 10.54
C PRO A 56 7.12 2.40 9.98
N GLU A 57 8.15 2.81 10.72
CA GLU A 57 9.01 3.91 10.30
C GLU A 57 10.33 3.41 9.71
N ASP A 58 10.24 2.45 8.79
CA ASP A 58 11.42 1.88 8.15
C ASP A 58 11.09 1.32 6.76
N TYR A 59 10.13 1.93 6.05
CA TYR A 59 9.75 1.46 4.73
C TYR A 59 9.41 2.60 3.77
N GLU A 60 9.37 2.28 2.49
CA GLU A 60 9.05 3.22 1.43
C GLU A 60 7.75 2.79 0.74
N LEU A 61 7.00 3.74 0.21
CA LEU A 61 5.74 3.44 -0.47
C LEU A 61 5.84 3.66 -1.97
N LEU A 62 5.84 2.55 -2.73
CA LEU A 62 5.91 2.61 -4.19
C LEU A 62 4.61 2.09 -4.79
N GLN A 63 4.38 2.35 -6.08
CA GLN A 63 3.16 1.88 -6.75
C GLN A 63 3.36 1.67 -8.24
N ILE A 64 2.68 0.65 -8.77
CA ILE A 64 2.74 0.31 -10.19
C ILE A 64 1.40 0.59 -10.85
N LEU A 65 1.37 1.56 -11.77
CA LEU A 65 0.14 1.94 -12.45
C LEU A 65 0.33 1.98 -13.97
N SER A 66 -0.74 2.33 -14.69
CA SER A 66 -0.71 2.42 -16.14
C SER A 66 -0.09 3.75 -16.57
N ASP A 67 -0.75 4.85 -16.21
CA ASP A 67 -0.26 6.19 -16.53
C ASP A 67 1.00 6.48 -15.70
N ASP A 68 1.00 6.00 -14.46
CA ASP A 68 2.15 6.18 -13.56
C ASP A 68 2.86 4.84 -13.39
N ARG A 69 3.40 4.33 -14.50
CA ARG A 69 4.12 3.04 -14.55
C ARG A 69 4.62 2.60 -13.17
N LYS A 70 5.54 3.36 -12.59
CA LYS A 70 6.09 3.05 -11.27
C LYS A 70 6.47 4.31 -10.52
N LEU A 71 5.91 4.48 -9.32
CA LEU A 71 6.20 5.64 -8.48
C LEU A 71 6.72 5.21 -7.11
N LYS A 72 7.53 6.08 -6.49
CA LYS A 72 8.10 5.79 -5.17
C LYS A 72 8.03 7.01 -4.25
N ILE A 73 7.36 6.84 -3.11
CA ILE A 73 7.21 7.91 -2.13
C ILE A 73 7.90 7.52 -0.82
N PRO A 74 8.65 8.48 -0.21
CA PRO A 74 9.38 8.25 1.04
C PRO A 74 8.45 7.99 2.24
N GLU A 75 9.05 7.95 3.44
CA GLU A 75 8.30 7.71 4.68
C GLU A 75 7.06 8.61 4.78
N ASN A 76 7.13 9.82 4.23
CA ASN A 76 6.00 10.75 4.26
C ASN A 76 5.00 10.45 3.14
N ALA A 77 4.59 9.18 3.04
CA ALA A 77 3.64 8.76 2.01
C ALA A 77 2.19 9.08 2.39
N ASN A 78 1.96 10.29 2.92
CA ASN A 78 0.61 10.72 3.28
C ASN A 78 -0.16 11.11 2.03
N VAL A 79 0.53 11.76 1.09
CA VAL A 79 -0.07 12.18 -0.18
C VAL A 79 -0.03 11.04 -1.22
N PHE A 80 0.68 9.95 -0.90
CA PHE A 80 0.80 8.80 -1.78
C PHE A 80 -0.57 8.35 -2.30
N TYR A 81 -1.56 8.33 -1.41
CA TYR A 81 -2.92 7.91 -1.77
C TYR A 81 -3.55 8.85 -2.80
N ALA A 82 -3.26 10.15 -2.70
CA ALA A 82 -3.81 11.13 -3.64
C ALA A 82 -3.10 11.08 -5.01
N MET A 83 -2.03 10.29 -5.11
CA MET A 83 -1.29 10.18 -6.37
C MET A 83 -1.41 8.77 -6.98
N ASN A 84 -1.22 7.74 -6.16
CA ASN A 84 -1.28 6.36 -6.63
C ASN A 84 -2.72 5.93 -6.97
N SER A 85 -3.71 6.54 -6.31
CA SER A 85 -5.11 6.19 -6.56
C SER A 85 -5.62 6.77 -7.88
N THR A 86 -5.13 6.23 -8.99
CA THR A 86 -5.53 6.68 -10.32
C THR A 86 -6.31 5.59 -11.06
N ALA A 87 -5.83 4.35 -10.98
CA ALA A 87 -6.47 3.21 -11.64
C ALA A 87 -6.18 1.91 -10.89
N ASN A 88 -4.91 1.51 -10.88
CA ASN A 88 -4.50 0.28 -10.19
C ASN A 88 -4.11 0.58 -8.74
N TYR A 89 -3.87 -0.46 -7.95
CA TYR A 89 -3.48 -0.30 -6.55
C TYR A 89 -2.37 -1.27 -6.15
N ASP A 90 -1.44 -1.53 -7.07
CA ASP A 90 -0.33 -2.43 -6.80
C ASP A 90 0.86 -1.66 -6.25
N PHE A 91 0.87 -1.45 -4.94
CA PHE A 91 1.93 -0.70 -4.29
C PHE A 91 2.99 -1.62 -3.68
N VAL A 92 4.25 -1.21 -3.78
CA VAL A 92 5.36 -1.97 -3.26
C VAL A 92 5.85 -1.39 -1.93
N LEU A 93 5.92 -2.24 -0.91
CA LEU A 93 6.37 -1.84 0.41
C LEU A 93 7.84 -2.21 0.58
N LYS A 94 8.73 -1.29 0.22
CA LYS A 94 10.17 -1.53 0.31
C LYS A 94 10.74 -1.04 1.64
N LYS A 95 11.51 -1.89 2.31
CA LYS A 95 12.11 -1.54 3.60
C LYS A 95 13.33 -0.63 3.40
N ARG A 96 13.55 0.26 4.36
CA ARG A 96 14.67 1.19 4.31
C ARG A 96 16.00 0.44 4.50
N THR A 97 16.64 0.12 3.38
CA THR A 97 17.91 -0.61 3.39
C THR A 97 18.99 0.14 2.59
N ALA A 1 -25.58 -10.92 1.53
CA ALA A 1 -25.86 -9.47 1.73
C ALA A 1 -25.49 -8.65 0.49
N LEU A 2 -24.24 -8.76 0.05
CA LEU A 2 -23.76 -8.04 -1.12
C LEU A 2 -22.80 -8.89 -1.95
N PRO A 3 -22.59 -8.54 -3.23
CA PRO A 3 -21.69 -9.28 -4.12
C PRO A 3 -20.22 -8.86 -3.94
N LEU A 4 -19.35 -9.41 -4.79
CA LEU A 4 -17.92 -9.11 -4.74
C LEU A 4 -17.65 -7.64 -5.08
N TYR A 5 -16.44 -7.17 -4.78
CA TYR A 5 -16.05 -5.78 -5.04
C TYR A 5 -16.33 -5.40 -6.50
N ASN A 6 -17.34 -4.54 -6.70
CA ASN A 6 -17.71 -4.08 -8.03
C ASN A 6 -17.85 -2.56 -8.05
N GLN A 7 -18.79 -2.04 -7.27
CA GLN A 7 -19.02 -0.59 -7.20
C GLN A 7 -18.89 -0.11 -5.76
N GLN A 8 -17.74 0.49 -5.43
CA GLN A 8 -17.49 1.00 -4.08
C GLN A 8 -17.27 2.51 -4.11
N VAL A 9 -18.13 3.24 -3.39
CA VAL A 9 -18.03 4.70 -3.32
C VAL A 9 -18.18 5.19 -1.88
N GLY A 10 -17.05 5.49 -1.24
CA GLY A 10 -17.07 5.97 0.13
C GLY A 10 -15.78 6.66 0.53
N ASP A 11 -15.33 6.40 1.76
CA ASP A 11 -14.10 7.00 2.27
C ASP A 11 -13.04 5.92 2.56
N CYS A 12 -12.88 4.99 1.62
CA CYS A 12 -11.91 3.91 1.77
C CYS A 12 -11.74 3.14 0.45
N CYS A 13 -10.66 2.38 0.36
CA CYS A 13 -10.36 1.58 -0.83
C CYS A 13 -9.48 0.39 -0.46
N ILE A 14 -9.04 -0.37 -1.47
CA ILE A 14 -8.18 -1.52 -1.24
C ILE A 14 -6.83 -1.30 -1.89
N ILE A 15 -5.80 -1.93 -1.31
CA ILE A 15 -4.44 -1.77 -1.81
C ILE A 15 -3.67 -3.09 -1.74
N ARG A 16 -3.06 -3.48 -2.86
CA ARG A 16 -2.26 -4.70 -2.92
C ARG A 16 -0.79 -4.35 -2.70
N VAL A 17 -0.32 -4.57 -1.48
CA VAL A 17 1.06 -4.25 -1.10
C VAL A 17 2.01 -5.43 -1.35
N SER A 18 3.30 -5.13 -1.54
CA SER A 18 4.31 -6.16 -1.77
C SER A 18 5.69 -5.71 -1.29
N LEU A 19 6.24 -6.40 -0.29
CA LEU A 19 7.56 -6.07 0.24
C LEU A 19 8.66 -6.49 -0.74
N ASP A 20 9.66 -5.62 -0.92
CA ASP A 20 10.76 -5.92 -1.86
C ASP A 20 12.07 -5.24 -1.44
N VAL A 21 12.60 -5.64 -0.28
CA VAL A 21 13.87 -5.08 0.21
C VAL A 21 14.57 -6.05 1.17
N ASP A 22 14.10 -6.09 2.42
CA ASP A 22 14.68 -6.99 3.42
C ASP A 22 13.92 -8.31 3.49
N ASN A 23 12.71 -8.33 2.92
CA ASN A 23 11.88 -9.53 2.92
C ASN A 23 11.13 -9.67 1.60
N GLY A 24 11.51 -10.67 0.81
CA GLY A 24 10.86 -10.90 -0.48
C GLY A 24 9.52 -11.58 -0.32
N ASN A 25 8.52 -10.81 0.13
CA ASN A 25 7.17 -11.34 0.34
C ASN A 25 6.29 -11.16 -0.90
N MET A 26 5.24 -11.97 -0.98
CA MET A 26 4.30 -11.90 -2.10
C MET A 26 3.29 -10.76 -1.92
N TYR A 27 2.57 -10.43 -2.99
CA TYR A 27 1.57 -9.36 -2.94
C TYR A 27 0.44 -9.70 -1.97
N LYS A 28 0.00 -8.69 -1.21
CA LYS A 28 -1.07 -8.85 -0.24
C LYS A 28 -1.94 -7.60 -0.19
N SER A 29 -3.25 -7.75 -0.35
CA SER A 29 -4.16 -6.60 -0.33
C SER A 29 -4.57 -6.26 1.10
N ILE A 30 -4.66 -4.97 1.39
CA ILE A 30 -5.04 -4.48 2.72
C ILE A 30 -6.06 -3.34 2.60
N LEU A 31 -6.92 -3.20 3.60
CA LEU A 31 -7.92 -2.13 3.60
C LEU A 31 -7.26 -0.77 3.87
N VAL A 32 -7.58 0.21 3.04
CA VAL A 32 -7.01 1.54 3.17
C VAL A 32 -8.09 2.62 3.08
N THR A 33 -7.92 3.70 3.84
CA THR A 33 -8.89 4.79 3.83
C THR A 33 -8.54 5.83 2.77
N SER A 34 -9.48 6.74 2.50
CA SER A 34 -9.27 7.80 1.50
C SER A 34 -8.07 8.67 1.87
N GLN A 35 -7.92 8.96 3.16
CA GLN A 35 -6.81 9.79 3.64
C GLN A 35 -5.85 8.98 4.52
N ASP A 36 -5.47 7.81 4.03
CA ASP A 36 -4.54 6.95 4.77
C ASP A 36 -3.14 7.57 4.83
N LYS A 37 -2.28 7.02 5.69
CA LYS A 37 -0.93 7.55 5.83
C LYS A 37 0.09 6.41 5.94
N ALA A 38 1.33 6.70 5.50
CA ALA A 38 2.42 5.71 5.53
C ALA A 38 2.44 4.88 6.81
N PRO A 39 2.57 5.52 8.00
CA PRO A 39 2.62 4.81 9.28
C PRO A 39 1.45 3.84 9.47
N ALA A 40 0.28 4.20 8.95
CA ALA A 40 -0.91 3.35 9.06
C ALA A 40 -0.88 2.22 8.03
N VAL A 41 -0.53 2.57 6.79
CA VAL A 41 -0.45 1.58 5.70
C VAL A 41 0.63 0.54 5.99
N ILE A 42 1.82 1.00 6.36
CA ILE A 42 2.93 0.10 6.66
C ILE A 42 2.59 -0.77 7.87
N ARG A 43 1.89 -0.18 8.85
CA ARG A 43 1.48 -0.91 10.05
C ARG A 43 0.51 -2.03 9.65
N LYS A 44 -0.51 -1.68 8.86
CA LYS A 44 -1.49 -2.66 8.40
C LYS A 44 -0.82 -3.72 7.52
N ALA A 45 0.10 -3.28 6.66
CA ALA A 45 0.82 -4.20 5.78
C ALA A 45 1.65 -5.19 6.59
N MET A 46 2.22 -4.71 7.72
CA MET A 46 3.01 -5.57 8.60
C MET A 46 2.14 -6.70 9.18
N ASP A 47 0.87 -6.40 9.45
CA ASP A 47 -0.05 -7.39 9.99
C ASP A 47 -0.15 -8.57 9.02
N LYS A 48 -0.29 -8.26 7.73
CA LYS A 48 -0.36 -9.30 6.70
C LYS A 48 1.03 -9.85 6.39
N HIS A 49 2.06 -9.02 6.62
CA HIS A 49 3.45 -9.42 6.40
C HIS A 49 4.16 -9.59 7.73
N ASN A 50 3.52 -10.31 8.66
CA ASN A 50 4.10 -10.53 9.99
C ASN A 50 5.27 -11.52 9.93
N LEU A 51 6.24 -11.25 9.07
CA LEU A 51 7.41 -12.09 8.91
C LEU A 51 8.67 -11.23 8.78
N GLU A 52 9.18 -10.77 9.93
CA GLU A 52 10.38 -9.92 9.98
C GLU A 52 10.16 -8.63 9.19
N GLU A 53 8.90 -8.20 9.10
CA GLU A 53 8.54 -6.97 8.39
C GLU A 53 7.65 -6.07 9.27
N GLU A 54 7.91 -6.11 10.59
CA GLU A 54 7.14 -5.30 11.53
C GLU A 54 7.84 -3.99 11.85
N GLU A 55 7.86 -3.08 10.88
CA GLU A 55 8.47 -1.77 11.05
C GLU A 55 7.64 -0.69 10.35
N PRO A 56 6.45 -0.39 10.92
CA PRO A 56 5.51 0.61 10.36
C PRO A 56 6.16 1.93 9.95
N GLU A 57 7.16 2.37 10.71
CA GLU A 57 7.84 3.63 10.43
C GLU A 57 9.25 3.39 9.85
N ASP A 58 9.34 2.46 8.91
CA ASP A 58 10.62 2.13 8.29
C ASP A 58 10.46 1.59 6.86
N TYR A 59 9.62 2.21 6.06
CA TYR A 59 9.41 1.74 4.69
C TYR A 59 9.24 2.87 3.66
N GLU A 60 9.36 2.48 2.40
CA GLU A 60 9.19 3.36 1.26
C GLU A 60 8.05 2.83 0.39
N LEU A 61 7.12 3.69 0.02
CA LEU A 61 5.98 3.26 -0.78
C LEU A 61 6.18 3.48 -2.27
N LEU A 62 5.94 2.42 -3.05
CA LEU A 62 6.04 2.46 -4.51
C LEU A 62 4.75 1.95 -5.14
N GLN A 63 4.34 2.53 -6.26
CA GLN A 63 3.10 2.10 -6.91
C GLN A 63 3.29 1.76 -8.38
N ILE A 64 2.47 0.82 -8.85
CA ILE A 64 2.49 0.39 -10.25
C ILE A 64 1.12 0.66 -10.87
N LEU A 65 1.09 1.50 -11.91
CA LEU A 65 -0.15 1.87 -12.57
C LEU A 65 0.00 1.80 -14.10
N SER A 66 -0.98 2.36 -14.81
CA SER A 66 -0.96 2.39 -16.27
C SER A 66 -0.46 3.75 -16.76
N ASP A 67 -1.23 4.79 -16.47
CA ASP A 67 -0.85 6.15 -16.84
C ASP A 67 0.40 6.58 -16.07
N ASP A 68 0.60 5.96 -14.90
CA ASP A 68 1.76 6.23 -14.06
C ASP A 68 2.49 4.92 -13.77
N ARG A 69 2.87 4.23 -14.86
CA ARG A 69 3.57 2.93 -14.82
C ARG A 69 4.10 2.57 -13.43
N LYS A 70 5.06 3.34 -12.94
CA LYS A 70 5.63 3.08 -11.62
C LYS A 70 6.04 4.38 -10.91
N LEU A 71 5.69 4.49 -9.64
CA LEU A 71 5.99 5.67 -8.83
C LEU A 71 6.54 5.25 -7.47
N LYS A 72 7.27 6.16 -6.80
CA LYS A 72 7.84 5.87 -5.48
C LYS A 72 7.84 7.10 -4.58
N ILE A 73 7.51 6.88 -3.30
CA ILE A 73 7.48 7.95 -2.30
C ILE A 73 8.23 7.52 -1.04
N PRO A 74 9.04 8.44 -0.46
CA PRO A 74 9.81 8.15 0.76
C PRO A 74 8.93 7.79 1.96
N GLU A 75 9.56 7.58 3.12
CA GLU A 75 8.85 7.22 4.35
C GLU A 75 7.59 8.07 4.55
N ASN A 76 7.62 9.33 4.10
CA ASN A 76 6.47 10.22 4.23
C ASN A 76 5.45 9.96 3.11
N ALA A 77 5.08 8.70 2.92
CA ALA A 77 4.11 8.32 1.89
C ALA A 77 2.67 8.61 2.32
N ASN A 78 2.48 9.63 3.16
CA ASN A 78 1.16 10.03 3.62
C ASN A 78 0.31 10.54 2.45
N VAL A 79 0.97 11.24 1.51
CA VAL A 79 0.29 11.80 0.34
C VAL A 79 0.25 10.79 -0.83
N PHE A 80 1.08 9.75 -0.75
CA PHE A 80 1.16 8.72 -1.79
C PHE A 80 -0.23 8.20 -2.20
N TYR A 81 -1.09 7.95 -1.21
CA TYR A 81 -2.44 7.43 -1.45
C TYR A 81 -3.34 8.47 -2.12
N ALA A 82 -3.05 9.76 -1.89
CA ALA A 82 -3.81 10.83 -2.50
C ALA A 82 -3.16 11.31 -3.80
N MET A 83 -2.40 10.42 -4.44
CA MET A 83 -1.72 10.75 -5.70
C MET A 83 -1.75 9.58 -6.69
N ASN A 84 -1.45 8.36 -6.21
CA ASN A 84 -1.43 7.19 -7.08
C ASN A 84 -2.85 6.69 -7.42
N SER A 85 -3.79 6.87 -6.49
CA SER A 85 -5.18 6.42 -6.69
C SER A 85 -5.78 6.97 -7.99
N THR A 86 -5.69 6.17 -9.07
CA THR A 86 -6.24 6.58 -10.37
C THR A 86 -6.92 5.41 -11.09
N ALA A 87 -6.27 4.24 -11.10
CA ALA A 87 -6.85 3.05 -11.75
C ALA A 87 -6.42 1.77 -11.05
N ASN A 88 -5.12 1.46 -11.14
CA ASN A 88 -4.57 0.26 -10.51
C ASN A 88 -4.08 0.56 -9.10
N TYR A 89 -3.81 -0.49 -8.31
CA TYR A 89 -3.33 -0.30 -6.94
C TYR A 89 -2.38 -1.42 -6.51
N ASP A 90 -1.42 -1.74 -7.38
CA ASP A 90 -0.41 -2.75 -7.09
C ASP A 90 0.88 -2.07 -6.66
N PHE A 91 0.93 -1.70 -5.38
CA PHE A 91 2.07 -0.98 -4.84
C PHE A 91 3.06 -1.88 -4.12
N VAL A 92 4.32 -1.49 -4.20
CA VAL A 92 5.42 -2.22 -3.57
C VAL A 92 5.86 -1.49 -2.30
N LEU A 93 5.73 -2.18 -1.17
CA LEU A 93 6.11 -1.61 0.11
C LEU A 93 7.55 -1.99 0.45
N LYS A 94 8.49 -1.15 0.03
CA LYS A 94 9.90 -1.39 0.30
C LYS A 94 10.26 -0.84 1.67
N LYS A 95 11.37 -1.29 2.24
CA LYS A 95 11.79 -0.82 3.55
C LYS A 95 12.66 0.43 3.43
N ARG A 96 12.80 1.16 4.53
CA ARG A 96 13.59 2.39 4.55
C ARG A 96 15.05 2.09 4.90
N THR A 97 15.78 1.54 3.93
CA THR A 97 17.20 1.21 4.13
C THR A 97 17.96 1.19 2.81
N ALA A 1 -26.18 -10.56 2.17
CA ALA A 1 -26.25 -9.12 2.50
C ALA A 1 -25.80 -8.26 1.32
N LEU A 2 -24.53 -8.43 0.91
CA LEU A 2 -23.97 -7.67 -0.21
C LEU A 2 -22.99 -8.52 -1.01
N PRO A 3 -22.65 -8.08 -2.24
CA PRO A 3 -21.72 -8.81 -3.11
C PRO A 3 -20.26 -8.43 -2.86
N LEU A 4 -19.35 -8.99 -3.66
CA LEU A 4 -17.92 -8.71 -3.53
C LEU A 4 -17.59 -7.27 -3.90
N TYR A 5 -16.36 -6.84 -3.61
CA TYR A 5 -15.92 -5.47 -3.90
C TYR A 5 -16.22 -5.09 -5.36
N ASN A 6 -17.18 -4.17 -5.53
CA ASN A 6 -17.57 -3.72 -6.87
C ASN A 6 -17.76 -2.20 -6.88
N GLN A 7 -18.73 -1.71 -6.08
CA GLN A 7 -19.01 -0.28 -6.00
C GLN A 7 -18.91 0.21 -4.56
N GLN A 8 -17.89 1.02 -4.30
CA GLN A 8 -17.67 1.57 -2.96
C GLN A 8 -17.45 3.08 -3.01
N VAL A 9 -18.15 3.81 -2.13
CA VAL A 9 -18.04 5.26 -2.08
C VAL A 9 -17.82 5.75 -0.64
N GLY A 10 -16.58 6.13 -0.32
CA GLY A 10 -16.26 6.60 1.01
C GLY A 10 -14.79 6.92 1.17
N ASP A 11 -14.31 6.91 2.42
CA ASP A 11 -12.91 7.21 2.70
C ASP A 11 -12.13 5.91 2.96
N CYS A 12 -12.15 5.00 1.98
CA CYS A 12 -11.44 3.74 2.11
C CYS A 12 -11.39 2.98 0.78
N CYS A 13 -10.34 2.20 0.61
CA CYS A 13 -10.14 1.41 -0.61
C CYS A 13 -9.26 0.18 -0.34
N ILE A 14 -8.89 -0.53 -1.40
CA ILE A 14 -8.05 -1.72 -1.26
C ILE A 14 -6.81 -1.60 -2.13
N ILE A 15 -5.72 -2.17 -1.64
CA ILE A 15 -4.46 -2.14 -2.36
C ILE A 15 -3.68 -3.44 -2.19
N ARG A 16 -3.08 -3.90 -3.29
CA ARG A 16 -2.28 -5.10 -3.28
C ARG A 16 -0.81 -4.72 -3.04
N VAL A 17 -0.37 -4.85 -1.78
CA VAL A 17 0.99 -4.48 -1.39
C VAL A 17 1.99 -5.60 -1.68
N SER A 18 3.26 -5.21 -1.87
CA SER A 18 4.34 -6.18 -2.12
C SER A 18 5.64 -5.70 -1.50
N LEU A 19 6.28 -6.55 -0.70
CA LEU A 19 7.54 -6.21 -0.06
C LEU A 19 8.73 -6.69 -0.90
N ASP A 20 9.75 -5.83 -1.02
CA ASP A 20 10.94 -6.16 -1.81
C ASP A 20 12.18 -5.38 -1.36
N VAL A 21 12.63 -5.66 -0.15
CA VAL A 21 13.82 -4.99 0.41
C VAL A 21 14.57 -5.94 1.36
N ASP A 22 14.06 -6.06 2.57
CA ASP A 22 14.66 -6.94 3.57
C ASP A 22 13.72 -8.11 3.91
N ASN A 23 12.56 -8.14 3.25
CA ASN A 23 11.58 -9.19 3.46
C ASN A 23 10.89 -9.58 2.14
N GLY A 24 11.51 -10.51 1.42
CA GLY A 24 10.97 -10.95 0.14
C GLY A 24 9.69 -11.75 0.29
N ASN A 25 8.55 -11.07 0.27
CA ASN A 25 7.25 -11.73 0.40
C ASN A 25 6.39 -11.51 -0.84
N MET A 26 5.32 -12.31 -0.95
CA MET A 26 4.40 -12.22 -2.09
C MET A 26 3.40 -11.09 -1.92
N TYR A 27 2.72 -10.72 -3.02
CA TYR A 27 1.73 -9.65 -3.00
C TYR A 27 0.60 -9.96 -2.02
N LYS A 28 0.06 -8.92 -1.38
CA LYS A 28 -1.03 -9.09 -0.42
C LYS A 28 -1.92 -7.84 -0.41
N SER A 29 -3.21 -8.01 -0.70
CA SER A 29 -4.13 -6.88 -0.71
C SER A 29 -4.65 -6.60 0.71
N ILE A 30 -4.72 -5.32 1.07
CA ILE A 30 -5.19 -4.92 2.38
C ILE A 30 -6.16 -3.74 2.29
N LEU A 31 -7.22 -3.78 3.12
CA LEU A 31 -8.20 -2.69 3.14
C LEU A 31 -7.63 -1.47 3.84
N VAL A 32 -7.60 -0.34 3.14
CA VAL A 32 -7.04 0.89 3.69
C VAL A 32 -8.03 2.05 3.56
N THR A 33 -7.68 3.19 4.15
CA THR A 33 -8.53 4.39 4.09
C THR A 33 -8.08 5.30 2.94
N SER A 34 -8.93 6.25 2.57
CA SER A 34 -8.61 7.20 1.50
C SER A 34 -7.60 8.25 1.97
N GLN A 35 -7.53 8.44 3.29
CA GLN A 35 -6.60 9.42 3.87
C GLN A 35 -5.58 8.71 4.78
N ASP A 36 -5.13 7.52 4.36
CA ASP A 36 -4.16 6.75 5.13
C ASP A 36 -2.79 7.43 5.14
N LYS A 37 -1.89 6.93 5.99
CA LYS A 37 -0.54 7.49 6.11
C LYS A 37 0.51 6.39 6.22
N ALA A 38 1.73 6.70 5.80
CA ALA A 38 2.85 5.74 5.84
C ALA A 38 2.79 4.81 7.06
N PRO A 39 2.87 5.36 8.29
CA PRO A 39 2.85 4.55 9.52
C PRO A 39 1.69 3.55 9.56
N ALA A 40 0.53 3.98 9.06
CA ALA A 40 -0.65 3.12 9.02
C ALA A 40 -0.53 2.10 7.89
N VAL A 41 0.04 2.53 6.76
CA VAL A 41 0.22 1.65 5.61
C VAL A 41 1.00 0.39 5.98
N ILE A 42 2.18 0.58 6.56
CA ILE A 42 3.01 -0.54 6.97
C ILE A 42 2.29 -1.39 8.02
N ARG A 43 1.56 -0.73 8.92
CA ARG A 43 0.81 -1.43 9.96
C ARG A 43 -0.12 -2.47 9.35
N LYS A 44 -0.89 -2.07 8.33
CA LYS A 44 -1.82 -2.97 7.66
C LYS A 44 -1.06 -4.05 6.88
N ALA A 45 -0.01 -3.62 6.15
CA ALA A 45 0.81 -4.56 5.37
C ALA A 45 1.51 -5.57 6.29
N MET A 46 1.93 -5.11 7.46
CA MET A 46 2.61 -6.00 8.43
C MET A 46 1.66 -7.07 8.94
N ASP A 47 0.38 -6.73 9.08
CA ASP A 47 -0.62 -7.69 9.55
C ASP A 47 -0.70 -8.87 8.57
N LYS A 48 -0.57 -8.56 7.28
CA LYS A 48 -0.59 -9.59 6.25
C LYS A 48 0.82 -10.18 6.07
N HIS A 49 1.84 -9.34 6.35
CA HIS A 49 3.22 -9.74 6.26
C HIS A 49 3.85 -9.79 7.65
N ASN A 50 3.22 -10.55 8.55
CA ASN A 50 3.70 -10.66 9.93
C ASN A 50 5.02 -11.45 9.99
N LEU A 51 6.01 -11.01 9.22
CA LEU A 51 7.32 -11.66 9.19
C LEU A 51 8.44 -10.62 9.20
N GLU A 52 8.71 -10.04 10.38
CA GLU A 52 9.76 -9.04 10.53
C GLU A 52 9.54 -7.84 9.60
N GLU A 53 8.27 -7.51 9.36
CA GLU A 53 7.91 -6.39 8.49
C GLU A 53 6.96 -5.42 9.21
N GLU A 54 7.27 -5.15 10.49
CA GLU A 54 6.46 -4.25 11.29
C GLU A 54 7.23 -2.98 11.66
N GLU A 55 7.28 -2.04 10.71
CA GLU A 55 7.97 -0.76 10.90
C GLU A 55 7.22 0.36 10.17
N PRO A 56 6.35 1.10 10.91
CA PRO A 56 5.53 2.17 10.32
C PRO A 56 6.32 3.35 9.74
N GLU A 57 7.43 3.71 10.40
CA GLU A 57 8.24 4.84 9.94
C GLU A 57 9.59 4.39 9.35
N ASP A 58 9.64 3.19 8.77
CA ASP A 58 10.87 2.67 8.21
C ASP A 58 10.72 2.20 6.75
N TYR A 59 9.56 2.43 6.14
CA TYR A 59 9.34 1.96 4.77
C TYR A 59 9.02 3.06 3.78
N GLU A 60 9.11 2.68 2.51
CA GLU A 60 8.81 3.56 1.39
C GLU A 60 7.71 2.92 0.56
N LEU A 61 6.77 3.73 0.09
CA LEU A 61 5.66 3.20 -0.69
C LEU A 61 5.84 3.44 -2.19
N LEU A 62 5.62 2.38 -2.96
CA LEU A 62 5.73 2.44 -4.42
C LEU A 62 4.42 1.93 -5.04
N GLN A 63 4.10 2.35 -6.25
CA GLN A 63 2.86 1.91 -6.89
C GLN A 63 3.01 1.67 -8.39
N ILE A 64 2.41 0.58 -8.85
CA ILE A 64 2.40 0.21 -10.25
C ILE A 64 1.03 0.51 -10.84
N LEU A 65 0.97 1.46 -11.78
CA LEU A 65 -0.29 1.85 -12.40
C LEU A 65 -0.18 1.82 -13.93
N SER A 66 -1.14 2.45 -14.60
CA SER A 66 -1.16 2.52 -16.05
C SER A 66 -0.73 3.90 -16.52
N ASP A 67 -1.53 4.90 -16.15
CA ASP A 67 -1.21 6.29 -16.48
C ASP A 67 0.06 6.73 -15.74
N ASP A 68 0.41 5.99 -14.68
CA ASP A 68 1.59 6.26 -13.89
C ASP A 68 2.34 4.95 -13.63
N ARG A 69 2.62 4.24 -14.74
CA ARG A 69 3.31 2.94 -14.74
C ARG A 69 3.86 2.53 -13.37
N LYS A 70 4.85 3.26 -12.86
CA LYS A 70 5.42 2.96 -11.56
C LYS A 70 5.84 4.24 -10.84
N LEU A 71 5.38 4.38 -9.60
CA LEU A 71 5.69 5.55 -8.77
C LEU A 71 6.24 5.12 -7.42
N LYS A 72 6.99 6.01 -6.77
CA LYS A 72 7.57 5.73 -5.46
C LYS A 72 7.61 6.98 -4.58
N ILE A 73 7.19 6.83 -3.34
CA ILE A 73 7.17 7.94 -2.38
C ILE A 73 8.00 7.61 -1.14
N PRO A 74 8.79 8.58 -0.64
CA PRO A 74 9.64 8.40 0.55
C PRO A 74 8.83 8.01 1.79
N GLU A 75 9.53 7.81 2.91
CA GLU A 75 8.90 7.42 4.17
C GLU A 75 7.59 8.17 4.43
N ASN A 76 7.51 9.41 3.96
CA ASN A 76 6.29 10.22 4.13
C ASN A 76 5.21 9.80 3.13
N ALA A 77 4.84 8.51 3.16
CA ALA A 77 3.82 7.96 2.27
C ALA A 77 2.44 8.60 2.48
N ASN A 78 2.32 9.46 3.50
CA ASN A 78 1.05 10.15 3.79
C ASN A 78 0.47 10.77 2.51
N VAL A 79 1.35 11.29 1.65
CA VAL A 79 0.95 11.93 0.40
C VAL A 79 0.77 10.90 -0.73
N PHE A 80 1.49 9.78 -0.63
CA PHE A 80 1.44 8.71 -1.64
C PHE A 80 0.00 8.31 -1.99
N TYR A 81 -0.86 8.21 -0.97
CA TYR A 81 -2.26 7.81 -1.18
C TYR A 81 -3.01 8.81 -2.06
N ALA A 82 -2.58 10.07 -2.08
CA ALA A 82 -3.20 11.09 -2.90
C ALA A 82 -2.51 11.23 -4.25
N MET A 83 -1.60 10.29 -4.58
CA MET A 83 -0.86 10.32 -5.84
C MET A 83 -1.04 9.02 -6.61
N ASN A 84 -0.94 7.89 -5.91
CA ASN A 84 -1.07 6.57 -6.55
C ASN A 84 -2.53 6.25 -6.94
N SER A 85 -3.49 6.85 -6.24
CA SER A 85 -4.90 6.62 -6.51
C SER A 85 -5.33 7.27 -7.83
N THR A 86 -4.96 6.66 -8.96
CA THR A 86 -5.31 7.18 -10.28
C THR A 86 -6.04 6.14 -11.13
N ALA A 87 -5.55 4.89 -11.13
CA ALA A 87 -6.17 3.82 -11.90
C ALA A 87 -5.99 2.46 -11.21
N ASN A 88 -4.80 1.88 -11.37
CA ASN A 88 -4.48 0.59 -10.76
C ASN A 88 -4.24 0.73 -9.25
N TYR A 89 -4.06 -0.39 -8.55
CA TYR A 89 -3.83 -0.36 -7.12
C TYR A 89 -2.84 -1.44 -6.68
N ASP A 90 -1.74 -1.57 -7.42
CA ASP A 90 -0.69 -2.54 -7.11
C ASP A 90 0.53 -1.82 -6.59
N PHE A 91 0.63 -1.70 -5.28
CA PHE A 91 1.74 -0.99 -4.66
C PHE A 91 2.76 -1.88 -3.99
N VAL A 92 3.98 -1.34 -3.90
CA VAL A 92 5.11 -2.04 -3.32
C VAL A 92 5.54 -1.37 -2.01
N LEU A 93 5.65 -2.19 -0.97
CA LEU A 93 6.07 -1.72 0.34
C LEU A 93 7.55 -2.06 0.56
N LYS A 94 8.42 -1.13 0.15
CA LYS A 94 9.86 -1.33 0.26
C LYS A 94 10.45 -0.53 1.42
N LYS A 95 11.04 -1.24 2.38
CA LYS A 95 11.65 -0.60 3.55
C LYS A 95 12.79 0.32 3.12
N ARG A 96 12.78 1.55 3.68
CA ARG A 96 13.80 2.54 3.37
C ARG A 96 15.14 2.16 4.01
N THR A 97 16.02 1.58 3.20
CA THR A 97 17.35 1.15 3.67
C THR A 97 18.42 1.37 2.60
N ALA A 1 -26.44 -12.00 0.53
CA ALA A 1 -26.70 -10.57 0.91
C ALA A 1 -26.11 -9.61 -0.11
N LEU A 2 -24.80 -9.72 -0.36
CA LEU A 2 -24.12 -8.86 -1.32
C LEU A 2 -23.11 -9.65 -2.15
N PRO A 3 -22.77 -9.15 -3.36
CA PRO A 3 -21.82 -9.81 -4.26
C PRO A 3 -20.37 -9.47 -3.92
N LEU A 4 -19.43 -9.99 -4.72
CA LEU A 4 -18.01 -9.73 -4.53
C LEU A 4 -17.68 -8.25 -4.74
N TYR A 5 -16.48 -7.84 -4.31
CA TYR A 5 -16.05 -6.45 -4.45
C TYR A 5 -16.19 -5.97 -5.89
N ASN A 6 -17.18 -5.11 -6.12
CA ASN A 6 -17.44 -4.56 -7.45
C ASN A 6 -17.48 -3.02 -7.40
N GLN A 7 -18.44 -2.49 -6.64
CA GLN A 7 -18.59 -1.04 -6.51
C GLN A 7 -18.59 -0.64 -5.03
N GLN A 8 -17.45 -0.13 -4.56
CA GLN A 8 -17.32 0.29 -3.16
C GLN A 8 -17.00 1.79 -3.08
N VAL A 9 -18.00 2.58 -2.69
CA VAL A 9 -17.84 4.03 -2.56
C VAL A 9 -18.26 4.50 -1.17
N GLY A 10 -17.27 4.72 -0.29
CA GLY A 10 -17.56 5.17 1.06
C GLY A 10 -16.41 5.95 1.68
N ASP A 11 -15.83 5.40 2.74
CA ASP A 11 -14.72 6.06 3.43
C ASP A 11 -13.55 5.09 3.64
N CYS A 12 -13.23 4.31 2.61
CA CYS A 12 -12.13 3.35 2.68
C CYS A 12 -11.81 2.76 1.30
N CYS A 13 -10.67 2.08 1.20
CA CYS A 13 -10.23 1.46 -0.05
C CYS A 13 -9.33 0.25 0.23
N ILE A 14 -8.77 -0.34 -0.83
CA ILE A 14 -7.89 -1.50 -0.70
C ILE A 14 -6.81 -1.50 -1.77
N ILE A 15 -5.68 -2.13 -1.45
CA ILE A 15 -4.56 -2.20 -2.40
C ILE A 15 -3.76 -3.48 -2.21
N ARG A 16 -3.13 -3.93 -3.28
CA ARG A 16 -2.30 -5.13 -3.23
C ARG A 16 -0.84 -4.71 -3.02
N VAL A 17 -0.37 -4.85 -1.77
CA VAL A 17 0.99 -4.45 -1.39
C VAL A 17 2.00 -5.60 -1.56
N SER A 18 3.27 -5.23 -1.71
CA SER A 18 4.36 -6.19 -1.83
C SER A 18 5.58 -5.70 -1.05
N LEU A 19 6.66 -6.48 -1.06
CA LEU A 19 7.89 -6.09 -0.35
C LEU A 19 9.13 -6.58 -1.09
N ASP A 20 10.14 -5.72 -1.21
CA ASP A 20 11.38 -6.08 -1.91
C ASP A 20 12.58 -5.27 -1.41
N VAL A 21 13.00 -5.53 -0.19
CA VAL A 21 14.16 -4.85 0.40
C VAL A 21 14.90 -5.77 1.37
N ASP A 22 14.38 -5.89 2.59
CA ASP A 22 14.98 -6.75 3.60
C ASP A 22 14.21 -8.07 3.72
N ASN A 23 12.98 -8.09 3.17
CA ASN A 23 12.14 -9.28 3.22
C ASN A 23 11.39 -9.45 1.89
N GLY A 24 11.89 -10.35 1.04
CA GLY A 24 11.26 -10.59 -0.24
C GLY A 24 10.02 -11.47 -0.12
N ASN A 25 8.94 -10.89 0.39
CA ASN A 25 7.68 -11.62 0.57
C ASN A 25 6.78 -11.49 -0.66
N MET A 26 5.76 -12.35 -0.73
CA MET A 26 4.82 -12.36 -1.84
C MET A 26 3.80 -11.23 -1.70
N TYR A 27 3.10 -10.92 -2.79
CA TYR A 27 2.10 -9.86 -2.81
C TYR A 27 0.93 -10.17 -1.87
N LYS A 28 0.42 -9.13 -1.20
CA LYS A 28 -0.71 -9.27 -0.28
C LYS A 28 -1.53 -7.98 -0.28
N SER A 29 -2.86 -8.10 -0.26
CA SER A 29 -3.73 -6.92 -0.26
C SER A 29 -3.90 -6.36 1.14
N ILE A 30 -3.90 -5.04 1.24
CA ILE A 30 -4.05 -4.34 2.52
C ILE A 30 -5.18 -3.32 2.47
N LEU A 31 -5.89 -3.17 3.58
CA LEU A 31 -7.00 -2.22 3.68
C LEU A 31 -6.48 -0.79 3.83
N VAL A 32 -7.28 0.17 3.37
CA VAL A 32 -6.91 1.59 3.44
C VAL A 32 -8.15 2.45 3.71
N THR A 33 -7.95 3.60 4.35
CA THR A 33 -9.06 4.51 4.65
C THR A 33 -9.11 5.66 3.63
N SER A 34 -10.17 6.47 3.71
CA SER A 34 -10.36 7.60 2.79
C SER A 34 -9.18 8.58 2.90
N GLN A 35 -8.72 8.83 4.13
CA GLN A 35 -7.61 9.74 4.36
C GLN A 35 -6.47 9.00 5.08
N ASP A 36 -6.00 7.91 4.48
CA ASP A 36 -4.93 7.10 5.06
C ASP A 36 -3.59 7.84 4.99
N LYS A 37 -2.64 7.39 5.81
CA LYS A 37 -1.31 8.00 5.85
C LYS A 37 -0.22 6.92 5.94
N ALA A 38 1.02 7.32 5.64
CA ALA A 38 2.17 6.41 5.69
C ALA A 38 2.12 5.42 6.87
N PRO A 39 2.06 5.94 8.13
CA PRO A 39 2.01 5.09 9.32
C PRO A 39 0.95 3.99 9.23
N ALA A 40 -0.24 4.35 8.75
CA ALA A 40 -1.33 3.41 8.61
C ALA A 40 -1.06 2.42 7.47
N VAL A 41 -0.44 2.90 6.39
CA VAL A 41 -0.11 2.07 5.24
C VAL A 41 0.81 0.91 5.65
N ILE A 42 1.95 1.25 6.24
CA ILE A 42 2.91 0.24 6.68
C ILE A 42 2.38 -0.58 7.84
N ARG A 43 1.71 0.09 8.79
CA ARG A 43 1.14 -0.60 9.95
C ARG A 43 0.14 -1.67 9.50
N LYS A 44 -0.77 -1.30 8.59
CA LYS A 44 -1.76 -2.24 8.08
C LYS A 44 -1.11 -3.31 7.20
N ALA A 45 -0.13 -2.88 6.38
CA ALA A 45 0.57 -3.81 5.50
C ALA A 45 1.37 -4.84 6.31
N MET A 46 2.00 -4.39 7.39
CA MET A 46 2.79 -5.28 8.25
C MET A 46 1.89 -6.34 8.89
N ASP A 47 0.67 -5.96 9.27
CA ASP A 47 -0.28 -6.89 9.87
C ASP A 47 -0.54 -8.06 8.92
N LYS A 48 -0.64 -7.75 7.63
CA LYS A 48 -0.85 -8.77 6.60
C LYS A 48 0.47 -9.47 6.25
N HIS A 49 1.57 -8.69 6.29
CA HIS A 49 2.89 -9.22 5.99
C HIS A 49 3.68 -9.45 7.28
N ASN A 50 3.05 -10.11 8.25
CA ASN A 50 3.69 -10.39 9.53
C ASN A 50 4.80 -11.43 9.38
N LEU A 51 5.75 -11.14 8.49
CA LEU A 51 6.88 -12.04 8.23
C LEU A 51 8.18 -11.24 8.19
N GLU A 52 8.71 -10.91 9.37
CA GLU A 52 9.95 -10.13 9.49
C GLU A 52 9.80 -8.74 8.84
N GLU A 53 8.56 -8.31 8.63
CA GLU A 53 8.27 -7.01 8.04
C GLU A 53 7.32 -6.20 8.93
N GLU A 54 7.71 -6.05 10.21
CA GLU A 54 6.88 -5.32 11.17
C GLU A 54 7.58 -4.04 11.66
N GLU A 55 7.65 -3.04 10.79
CA GLU A 55 8.26 -1.75 11.12
C GLU A 55 7.48 -0.61 10.44
N PRO A 56 6.41 -0.13 11.10
CA PRO A 56 5.54 0.94 10.56
C PRO A 56 6.31 2.16 10.02
N GLU A 57 7.33 2.61 10.76
CA GLU A 57 8.11 3.77 10.33
C GLU A 57 9.49 3.37 9.79
N ASP A 58 9.51 2.39 8.88
CA ASP A 58 10.76 1.93 8.29
C ASP A 58 10.60 1.43 6.85
N TYR A 59 9.65 1.99 6.09
CA TYR A 59 9.43 1.55 4.72
C TYR A 59 9.17 2.70 3.75
N GLU A 60 9.28 2.38 2.47
CA GLU A 60 9.02 3.31 1.38
C GLU A 60 7.86 2.78 0.55
N LEU A 61 6.98 3.66 0.12
CA LEU A 61 5.81 3.24 -0.66
C LEU A 61 5.98 3.46 -2.16
N LEU A 62 5.68 2.42 -2.93
CA LEU A 62 5.76 2.47 -4.39
C LEU A 62 4.42 2.02 -4.98
N GLN A 63 4.11 2.44 -6.20
CA GLN A 63 2.85 2.04 -6.82
C GLN A 63 2.99 1.74 -8.31
N ILE A 64 2.47 0.59 -8.71
CA ILE A 64 2.48 0.16 -10.09
C ILE A 64 1.13 0.45 -10.73
N LEU A 65 1.11 1.33 -11.73
CA LEU A 65 -0.12 1.71 -12.40
C LEU A 65 0.03 1.66 -13.91
N SER A 66 -1.02 2.08 -14.62
CA SER A 66 -1.02 2.10 -16.08
C SER A 66 -0.59 3.47 -16.58
N ASP A 67 -1.37 4.49 -16.22
CA ASP A 67 -1.07 5.86 -16.58
C ASP A 67 0.18 6.35 -15.84
N ASP A 68 0.48 5.68 -14.72
CA ASP A 68 1.65 6.00 -13.92
C ASP A 68 2.45 4.73 -13.63
N ARG A 69 2.85 4.06 -14.73
CA ARG A 69 3.61 2.79 -14.70
C ARG A 69 4.11 2.41 -13.30
N LYS A 70 5.06 3.16 -12.76
CA LYS A 70 5.59 2.87 -11.43
C LYS A 70 6.04 4.15 -10.72
N LEU A 71 5.48 4.38 -9.53
CA LEU A 71 5.81 5.56 -8.73
C LEU A 71 6.39 5.13 -7.38
N LYS A 72 7.17 6.02 -6.76
CA LYS A 72 7.77 5.71 -5.46
C LYS A 72 7.82 6.95 -4.57
N ILE A 73 7.41 6.79 -3.32
CA ILE A 73 7.40 7.88 -2.35
C ILE A 73 8.10 7.46 -1.05
N PRO A 74 8.92 8.36 -0.48
CA PRO A 74 9.66 8.10 0.77
C PRO A 74 8.74 7.74 1.95
N GLU A 75 9.35 7.54 3.12
CA GLU A 75 8.60 7.18 4.34
C GLU A 75 7.34 8.04 4.52
N ASN A 76 7.37 9.28 4.02
CA ASN A 76 6.20 10.16 4.13
C ASN A 76 5.15 9.80 3.08
N ALA A 77 4.71 8.54 3.11
CA ALA A 77 3.69 8.04 2.17
C ALA A 77 2.33 8.72 2.34
N ASN A 78 2.20 9.61 3.33
CA ASN A 78 0.95 10.33 3.55
C ASN A 78 0.42 10.94 2.24
N VAL A 79 1.35 11.51 1.46
CA VAL A 79 1.01 12.12 0.17
C VAL A 79 1.00 11.10 -0.97
N PHE A 80 1.74 10.01 -0.80
CA PHE A 80 1.83 8.95 -1.81
C PHE A 80 0.46 8.58 -2.38
N TYR A 81 -0.52 8.38 -1.49
CA TYR A 81 -1.87 8.00 -1.91
C TYR A 81 -2.49 9.01 -2.87
N ALA A 82 -2.14 10.29 -2.71
CA ALA A 82 -2.66 11.35 -3.58
C ALA A 82 -2.27 11.09 -5.04
N MET A 83 -1.05 10.59 -5.25
CA MET A 83 -0.56 10.29 -6.60
C MET A 83 -0.84 8.84 -7.00
N ASN A 84 -0.95 7.95 -6.00
CA ASN A 84 -1.22 6.53 -6.26
C ASN A 84 -2.65 6.31 -6.77
N SER A 85 -3.59 7.15 -6.33
CA SER A 85 -4.99 7.03 -6.75
C SER A 85 -5.18 7.57 -8.16
N THR A 86 -4.85 6.77 -9.17
CA THR A 86 -4.98 7.19 -10.57
C THR A 86 -5.70 6.13 -11.42
N ALA A 87 -5.27 4.87 -11.31
CA ALA A 87 -5.88 3.79 -12.07
C ALA A 87 -5.78 2.44 -11.35
N ASN A 88 -4.61 1.79 -11.49
CA ASN A 88 -4.36 0.48 -10.87
C ASN A 88 -4.24 0.59 -9.34
N TYR A 89 -4.11 -0.56 -8.68
CA TYR A 89 -3.97 -0.59 -7.22
C TYR A 89 -2.98 -1.67 -6.77
N ASP A 90 -1.78 -1.65 -7.36
CA ASP A 90 -0.73 -2.61 -7.03
C ASP A 90 0.50 -1.86 -6.53
N PHE A 91 0.54 -1.62 -5.23
CA PHE A 91 1.64 -0.88 -4.62
C PHE A 91 2.66 -1.78 -3.93
N VAL A 92 3.86 -1.24 -3.77
CA VAL A 92 4.97 -1.97 -3.16
C VAL A 92 5.43 -1.30 -1.86
N LEU A 93 5.60 -2.12 -0.83
CA LEU A 93 6.05 -1.64 0.47
C LEU A 93 7.52 -2.04 0.67
N LYS A 94 8.41 -1.30 0.03
CA LYS A 94 9.84 -1.57 0.13
C LYS A 94 10.44 -0.85 1.33
N LYS A 95 11.03 -1.64 2.24
CA LYS A 95 11.65 -1.09 3.45
C LYS A 95 12.55 0.11 3.15
N ARG A 96 12.75 0.96 4.14
CA ARG A 96 13.59 2.14 3.99
C ARG A 96 15.07 1.77 4.16
N THR A 97 15.54 0.86 3.31
CA THR A 97 16.94 0.40 3.36
C THR A 97 17.54 0.32 1.95
N ALA A 1 -25.46 -11.50 0.94
CA ALA A 1 -25.70 -10.06 1.21
C ALA A 1 -25.22 -9.20 0.04
N LEU A 2 -23.91 -9.25 -0.24
CA LEU A 2 -23.33 -8.47 -1.34
C LEU A 2 -22.30 -9.29 -2.11
N PRO A 3 -22.00 -8.90 -3.36
CA PRO A 3 -21.02 -9.59 -4.20
C PRO A 3 -19.59 -9.10 -3.97
N LEU A 4 -18.66 -9.59 -4.80
CA LEU A 4 -17.25 -9.20 -4.69
C LEU A 4 -17.07 -7.70 -4.99
N TYR A 5 -15.88 -7.18 -4.66
CA TYR A 5 -15.58 -5.77 -4.88
C TYR A 5 -15.83 -5.36 -6.33
N ASN A 6 -16.90 -4.60 -6.54
CA ASN A 6 -17.28 -4.13 -7.87
C ASN A 6 -17.45 -2.61 -7.87
N GLN A 7 -18.36 -2.11 -7.05
CA GLN A 7 -18.63 -0.68 -6.95
C GLN A 7 -18.52 -0.21 -5.49
N GLN A 8 -17.45 0.53 -5.19
CA GLN A 8 -17.22 1.04 -3.84
C GLN A 8 -17.13 2.56 -3.83
N VAL A 9 -18.05 3.20 -3.10
CA VAL A 9 -18.08 4.66 -3.00
C VAL A 9 -18.35 5.11 -1.57
N GLY A 10 -17.31 5.60 -0.90
CA GLY A 10 -17.45 6.05 0.47
C GLY A 10 -16.21 6.76 0.99
N ASP A 11 -15.69 6.28 2.13
CA ASP A 11 -14.49 6.86 2.73
C ASP A 11 -13.42 5.81 2.97
N CYS A 12 -13.09 5.05 1.92
CA CYS A 12 -12.08 4.00 2.00
C CYS A 12 -11.69 3.49 0.61
N CYS A 13 -10.68 2.62 0.56
CA CYS A 13 -10.20 2.04 -0.70
C CYS A 13 -9.52 0.69 -0.45
N ILE A 14 -8.85 0.16 -1.48
CA ILE A 14 -8.15 -1.12 -1.37
C ILE A 14 -6.73 -1.01 -1.91
N ILE A 15 -5.90 -1.99 -1.56
CA ILE A 15 -4.51 -1.99 -1.99
C ILE A 15 -3.90 -3.39 -2.01
N ARG A 16 -3.04 -3.63 -2.99
CA ARG A 16 -2.32 -4.89 -3.11
C ARG A 16 -0.83 -4.61 -2.92
N VAL A 17 -0.38 -4.71 -1.68
CA VAL A 17 1.00 -4.41 -1.29
C VAL A 17 1.95 -5.61 -1.48
N SER A 18 3.24 -5.30 -1.59
CA SER A 18 4.29 -6.32 -1.74
C SER A 18 5.53 -5.88 -0.95
N LEU A 19 6.56 -6.74 -0.92
CA LEU A 19 7.79 -6.42 -0.19
C LEU A 19 9.02 -6.95 -0.94
N ASP A 20 10.06 -6.12 -1.05
CA ASP A 20 11.28 -6.54 -1.75
C ASP A 20 12.50 -5.70 -1.32
N VAL A 21 12.97 -5.95 -0.10
CA VAL A 21 14.13 -5.25 0.45
C VAL A 21 14.86 -6.13 1.46
N ASP A 22 14.34 -6.15 2.69
CA ASP A 22 14.91 -6.97 3.76
C ASP A 22 13.97 -8.12 4.13
N ASN A 23 12.77 -8.12 3.53
CA ASN A 23 11.77 -9.15 3.79
C ASN A 23 11.05 -9.54 2.51
N GLY A 24 11.60 -10.51 1.78
CA GLY A 24 11.02 -10.96 0.53
C GLY A 24 9.73 -11.73 0.74
N ASN A 25 8.60 -11.01 0.81
CA ASN A 25 7.30 -11.63 1.01
C ASN A 25 6.45 -11.58 -0.25
N MET A 26 5.40 -12.40 -0.30
CA MET A 26 4.49 -12.46 -1.44
C MET A 26 3.48 -11.30 -1.41
N TYR A 27 2.90 -10.99 -2.58
CA TYR A 27 1.93 -9.91 -2.68
C TYR A 27 0.71 -10.18 -1.79
N LYS A 28 0.17 -9.12 -1.18
CA LYS A 28 -1.01 -9.24 -0.32
C LYS A 28 -1.81 -7.95 -0.33
N SER A 29 -3.14 -8.06 -0.40
CA SER A 29 -3.99 -6.88 -0.43
C SER A 29 -4.47 -6.52 0.99
N ILE A 30 -4.68 -5.22 1.21
CA ILE A 30 -5.14 -4.71 2.51
C ILE A 30 -6.11 -3.54 2.31
N LEU A 31 -7.06 -3.40 3.23
CA LEU A 31 -8.05 -2.32 3.15
C LEU A 31 -7.37 -0.96 3.37
N VAL A 32 -7.90 0.07 2.73
CA VAL A 32 -7.36 1.41 2.84
C VAL A 32 -8.44 2.42 3.18
N THR A 33 -8.05 3.54 3.79
CA THR A 33 -9.00 4.59 4.17
C THR A 33 -8.93 5.77 3.19
N SER A 34 -9.89 6.69 3.32
CA SER A 34 -9.94 7.88 2.46
C SER A 34 -8.65 8.71 2.55
N GLN A 35 -8.02 8.69 3.72
CA GLN A 35 -6.79 9.45 3.93
C GLN A 35 -5.76 8.61 4.69
N ASP A 36 -5.38 7.47 4.11
CA ASP A 36 -4.40 6.58 4.72
C ASP A 36 -3.04 7.28 4.83
N LYS A 37 -2.17 6.77 5.70
CA LYS A 37 -0.85 7.37 5.91
C LYS A 37 0.25 6.32 6.03
N ALA A 38 1.49 6.72 5.71
CA ALA A 38 2.66 5.84 5.76
C ALA A 38 2.61 4.82 6.91
N PRO A 39 2.54 5.29 8.18
CA PRO A 39 2.51 4.40 9.34
C PRO A 39 1.43 3.32 9.23
N ALA A 40 0.27 3.68 8.72
CA ALA A 40 -0.83 2.73 8.55
C ALA A 40 -0.55 1.78 7.38
N VAL A 41 0.14 2.28 6.35
CA VAL A 41 0.48 1.49 5.18
C VAL A 41 1.31 0.27 5.57
N ILE A 42 2.44 0.52 6.24
CA ILE A 42 3.32 -0.57 6.68
C ILE A 42 2.65 -1.44 7.72
N ARG A 43 1.97 -0.80 8.68
CA ARG A 43 1.27 -1.54 9.74
C ARG A 43 0.25 -2.50 9.14
N LYS A 44 -0.55 -2.03 8.18
CA LYS A 44 -1.54 -2.86 7.53
C LYS A 44 -0.87 -3.96 6.69
N ALA A 45 0.20 -3.59 5.97
CA ALA A 45 0.94 -4.54 5.16
C ALA A 45 1.52 -5.65 6.03
N MET A 46 1.93 -5.30 7.26
CA MET A 46 2.48 -6.27 8.20
C MET A 46 1.41 -7.28 8.63
N ASP A 47 0.16 -6.82 8.71
CA ASP A 47 -0.95 -7.71 9.08
C ASP A 47 -1.06 -8.86 8.09
N LYS A 48 -0.76 -8.56 6.82
CA LYS A 48 -0.78 -9.58 5.77
C LYS A 48 0.59 -10.25 5.64
N HIS A 49 1.63 -9.52 6.07
CA HIS A 49 3.00 -10.01 6.03
C HIS A 49 3.59 -9.99 7.44
N ASN A 50 2.92 -10.68 8.37
CA ASN A 50 3.36 -10.73 9.76
C ASN A 50 4.66 -11.53 9.90
N LEU A 51 5.69 -11.07 9.20
CA LEU A 51 7.00 -11.72 9.22
C LEU A 51 8.13 -10.71 9.39
N GLU A 52 8.25 -10.16 10.61
CA GLU A 52 9.28 -9.18 10.93
C GLU A 52 9.25 -7.98 9.98
N GLU A 53 8.05 -7.60 9.57
CA GLU A 53 7.87 -6.47 8.65
C GLU A 53 6.96 -5.40 9.27
N GLU A 54 7.25 -5.02 10.52
CA GLU A 54 6.46 -4.02 11.22
C GLU A 54 7.31 -2.78 11.54
N GLU A 55 7.42 -1.89 10.55
CA GLU A 55 8.18 -0.65 10.71
C GLU A 55 7.47 0.49 9.97
N PRO A 56 6.44 1.10 10.61
CA PRO A 56 5.65 2.19 10.01
C PRO A 56 6.46 3.40 9.55
N GLU A 57 7.59 3.64 10.20
CA GLU A 57 8.44 4.80 9.85
C GLU A 57 9.80 4.38 9.27
N ASP A 58 9.88 3.18 8.69
CA ASP A 58 11.15 2.71 8.13
C ASP A 58 11.03 2.25 6.67
N TYR A 59 9.87 2.41 6.04
CA TYR A 59 9.70 1.94 4.68
C TYR A 59 9.38 3.04 3.67
N GLU A 60 9.47 2.66 2.40
CA GLU A 60 9.17 3.53 1.28
C GLU A 60 8.08 2.90 0.44
N LEU A 61 7.19 3.71 -0.12
CA LEU A 61 6.10 3.18 -0.91
C LEU A 61 6.32 3.36 -2.42
N LEU A 62 5.89 2.36 -3.17
CA LEU A 62 5.99 2.36 -4.63
C LEU A 62 4.75 1.70 -5.22
N GLN A 63 4.15 2.28 -6.27
CA GLN A 63 2.94 1.70 -6.86
C GLN A 63 2.98 1.64 -8.38
N ILE A 64 2.36 0.58 -8.90
CA ILE A 64 2.26 0.35 -10.34
C ILE A 64 0.85 0.69 -10.82
N LEU A 65 0.73 1.76 -11.62
CA LEU A 65 -0.56 2.20 -12.12
C LEU A 65 -0.55 2.25 -13.66
N SER A 66 -1.48 3.01 -14.23
CA SER A 66 -1.59 3.15 -15.67
C SER A 66 -1.12 4.55 -16.09
N ASP A 67 -1.88 5.56 -15.68
CA ASP A 67 -1.51 6.94 -15.97
C ASP A 67 -0.18 7.28 -15.29
N ASP A 68 0.16 6.52 -14.25
CA ASP A 68 1.41 6.69 -13.53
C ASP A 68 2.07 5.32 -13.37
N ARG A 69 2.26 4.65 -14.52
CA ARG A 69 2.86 3.30 -14.62
C ARG A 69 3.52 2.84 -13.32
N LYS A 70 4.50 3.58 -12.83
CA LYS A 70 5.18 3.23 -11.59
C LYS A 70 5.56 4.50 -10.81
N LEU A 71 5.22 4.51 -9.53
CA LEU A 71 5.51 5.66 -8.67
C LEU A 71 6.21 5.21 -7.38
N LYS A 72 6.88 6.15 -6.72
CA LYS A 72 7.58 5.86 -5.47
C LYS A 72 7.74 7.12 -4.62
N ILE A 73 7.41 7.02 -3.34
CA ILE A 73 7.51 8.15 -2.42
C ILE A 73 8.23 7.74 -1.13
N PRO A 74 9.11 8.64 -0.61
CA PRO A 74 9.87 8.39 0.62
C PRO A 74 8.97 8.03 1.82
N GLU A 75 9.62 7.78 2.96
CA GLU A 75 8.92 7.42 4.20
C GLU A 75 7.59 8.16 4.39
N ASN A 76 7.52 9.41 3.93
CA ASN A 76 6.29 10.20 4.05
C ASN A 76 5.22 9.74 3.04
N ALA A 77 4.92 8.44 3.07
CA ALA A 77 3.92 7.85 2.17
C ALA A 77 2.51 8.44 2.40
N ASN A 78 2.36 9.24 3.45
CA ASN A 78 1.07 9.89 3.75
C ASN A 78 0.49 10.53 2.49
N VAL A 79 1.37 11.14 1.69
CA VAL A 79 0.96 11.79 0.44
C VAL A 79 0.91 10.80 -0.73
N PHE A 80 1.77 9.78 -0.68
CA PHE A 80 1.84 8.75 -1.71
C PHE A 80 0.46 8.19 -2.07
N TYR A 81 -0.37 7.95 -1.05
CA TYR A 81 -1.71 7.40 -1.26
C TYR A 81 -2.57 8.31 -2.15
N ALA A 82 -2.38 9.62 -2.02
CA ALA A 82 -3.13 10.58 -2.82
C ALA A 82 -2.63 10.61 -4.27
N MET A 83 -1.45 10.05 -4.52
CA MET A 83 -0.86 10.03 -5.86
C MET A 83 -1.10 8.69 -6.58
N ASN A 84 -1.00 7.59 -5.83
CA ASN A 84 -1.19 6.25 -6.40
C ASN A 84 -2.68 5.85 -6.50
N SER A 85 -3.57 6.80 -6.73
CA SER A 85 -5.00 6.51 -6.84
C SER A 85 -5.58 6.98 -8.18
N THR A 86 -4.89 6.66 -9.28
CA THR A 86 -5.36 7.06 -10.62
C THR A 86 -6.13 5.92 -11.31
N ALA A 87 -5.69 4.67 -11.10
CA ALA A 87 -6.35 3.52 -11.71
C ALA A 87 -6.06 2.23 -10.92
N ASN A 88 -4.92 1.61 -11.21
CA ASN A 88 -4.52 0.37 -10.54
C ASN A 88 -4.13 0.62 -9.09
N TYR A 89 -4.01 -0.45 -8.30
CA TYR A 89 -3.63 -0.32 -6.90
C TYR A 89 -2.66 -1.43 -6.47
N ASP A 90 -1.60 -1.62 -7.26
CA ASP A 90 -0.58 -2.62 -6.96
C ASP A 90 0.72 -1.94 -6.57
N PHE A 91 0.98 -1.90 -5.27
CA PHE A 91 2.16 -1.24 -4.75
C PHE A 91 3.15 -2.15 -4.06
N VAL A 92 4.40 -1.72 -4.08
CA VAL A 92 5.50 -2.43 -3.46
C VAL A 92 5.99 -1.68 -2.23
N LEU A 93 6.03 -2.37 -1.10
CA LEU A 93 6.48 -1.79 0.15
C LEU A 93 7.95 -2.14 0.37
N LYS A 94 8.83 -1.19 0.02
CA LYS A 94 10.27 -1.39 0.15
C LYS A 94 10.83 -0.57 1.31
N LYS A 95 11.47 -1.25 2.27
CA LYS A 95 12.05 -0.58 3.43
C LYS A 95 13.19 0.34 3.01
N ARG A 96 13.17 1.56 3.55
CA ARG A 96 14.19 2.56 3.24
C ARG A 96 15.47 2.27 4.02
N THR A 97 16.48 1.74 3.33
CA THR A 97 17.76 1.41 3.94
C THR A 97 18.91 1.50 2.92
N ALA A 1 -25.45 -11.05 1.04
CA ALA A 1 -25.85 -9.63 1.14
C ALA A 1 -25.36 -8.82 -0.06
N LEU A 2 -24.07 -8.94 -0.37
CA LEU A 2 -23.48 -8.21 -1.50
C LEU A 2 -22.45 -9.08 -2.23
N PRO A 3 -22.10 -8.71 -3.48
CA PRO A 3 -21.12 -9.44 -4.28
C PRO A 3 -19.68 -8.97 -4.06
N LEU A 4 -18.76 -9.46 -4.89
CA LEU A 4 -17.35 -9.09 -4.79
C LEU A 4 -17.14 -7.60 -5.07
N TYR A 5 -15.96 -7.09 -4.73
CA TYR A 5 -15.63 -5.67 -4.93
C TYR A 5 -15.92 -5.23 -6.36
N ASN A 6 -16.97 -4.42 -6.53
CA ASN A 6 -17.36 -3.92 -7.85
C ASN A 6 -17.54 -2.41 -7.81
N GLN A 7 -18.46 -1.95 -6.96
CA GLN A 7 -18.74 -0.51 -6.82
C GLN A 7 -18.52 -0.07 -5.37
N GLN A 8 -17.46 0.72 -5.16
CA GLN A 8 -17.14 1.22 -3.82
C GLN A 8 -16.94 2.74 -3.85
N VAL A 9 -17.84 3.46 -3.18
CA VAL A 9 -17.78 4.92 -3.11
C VAL A 9 -18.11 5.43 -1.71
N GLY A 10 -17.09 5.78 -0.94
CA GLY A 10 -17.32 6.27 0.42
C GLY A 10 -16.08 6.94 1.01
N ASP A 11 -15.55 6.35 2.08
CA ASP A 11 -14.37 6.89 2.75
C ASP A 11 -13.30 5.81 2.97
N CYS A 12 -12.99 5.06 1.91
CA CYS A 12 -11.99 4.00 1.99
C CYS A 12 -11.59 3.52 0.59
N CYS A 13 -10.59 2.63 0.53
CA CYS A 13 -10.10 2.07 -0.72
C CYS A 13 -9.42 0.71 -0.49
N ILE A 14 -8.76 0.19 -1.52
CA ILE A 14 -8.07 -1.10 -1.42
C ILE A 14 -6.65 -1.00 -1.96
N ILE A 15 -5.83 -2.01 -1.64
CA ILE A 15 -4.44 -2.02 -2.06
C ILE A 15 -3.86 -3.43 -2.12
N ARG A 16 -2.99 -3.66 -3.10
CA ARG A 16 -2.29 -4.93 -3.25
C ARG A 16 -0.79 -4.66 -3.07
N VAL A 17 -0.36 -4.70 -1.80
CA VAL A 17 1.02 -4.41 -1.40
C VAL A 17 1.97 -5.60 -1.59
N SER A 18 3.28 -5.29 -1.63
CA SER A 18 4.34 -6.29 -1.75
C SER A 18 5.56 -5.85 -0.93
N LEU A 19 6.59 -6.68 -0.87
CA LEU A 19 7.81 -6.34 -0.12
C LEU A 19 9.06 -6.81 -0.87
N ASP A 20 10.07 -5.95 -0.96
CA ASP A 20 11.30 -6.30 -1.68
C ASP A 20 12.50 -5.48 -1.19
N VAL A 21 12.97 -5.77 0.02
CA VAL A 21 14.13 -5.09 0.60
C VAL A 21 14.85 -6.00 1.59
N ASP A 22 14.35 -6.03 2.83
CA ASP A 22 14.92 -6.87 3.87
C ASP A 22 13.98 -8.03 4.22
N ASN A 23 12.78 -8.02 3.62
CA ASN A 23 11.79 -9.06 3.86
C ASN A 23 11.09 -9.43 2.55
N GLY A 24 11.68 -10.38 1.81
CA GLY A 24 11.12 -10.81 0.55
C GLY A 24 9.83 -11.59 0.72
N ASN A 25 8.71 -10.88 0.76
CA ASN A 25 7.41 -11.51 0.93
C ASN A 25 6.57 -11.42 -0.36
N MET A 26 5.55 -12.28 -0.44
CA MET A 26 4.66 -12.31 -1.61
C MET A 26 3.63 -11.18 -1.55
N TYR A 27 3.04 -10.85 -2.70
CA TYR A 27 2.04 -9.79 -2.79
C TYR A 27 0.82 -10.11 -1.92
N LYS A 28 0.24 -9.09 -1.30
CA LYS A 28 -0.93 -9.24 -0.45
C LYS A 28 -1.76 -7.95 -0.44
N SER A 29 -3.07 -8.08 -0.53
CA SER A 29 -3.95 -6.90 -0.54
C SER A 29 -4.37 -6.52 0.88
N ILE A 30 -4.58 -5.22 1.09
CA ILE A 30 -5.00 -4.70 2.39
C ILE A 30 -5.99 -3.55 2.20
N LEU A 31 -6.93 -3.41 3.13
CA LEU A 31 -7.93 -2.34 3.05
C LEU A 31 -7.28 -0.99 3.31
N VAL A 32 -7.84 0.05 2.69
CA VAL A 32 -7.31 1.41 2.84
C VAL A 32 -8.41 2.40 3.19
N THR A 33 -8.02 3.51 3.82
CA THR A 33 -8.98 4.54 4.20
C THR A 33 -8.90 5.75 3.25
N SER A 34 -9.86 6.68 3.39
CA SER A 34 -9.91 7.88 2.55
C SER A 34 -8.61 8.69 2.65
N GLN A 35 -7.95 8.64 3.81
CA GLN A 35 -6.70 9.38 4.01
C GLN A 35 -5.68 8.57 4.79
N ASP A 36 -5.27 7.44 4.22
CA ASP A 36 -4.28 6.58 4.87
C ASP A 36 -2.93 7.27 4.95
N LYS A 37 -2.04 6.76 5.79
CA LYS A 37 -0.71 7.35 5.96
C LYS A 37 0.38 6.30 6.08
N ALA A 38 1.62 6.71 5.76
CA ALA A 38 2.79 5.80 5.81
C ALA A 38 2.72 4.78 6.95
N PRO A 39 2.66 5.23 8.22
CA PRO A 39 2.60 4.32 9.38
C PRO A 39 1.52 3.26 9.25
N ALA A 40 0.36 3.64 8.74
CA ALA A 40 -0.74 2.70 8.55
C ALA A 40 -0.47 1.77 7.37
N VAL A 41 0.21 2.29 6.35
CA VAL A 41 0.55 1.50 5.17
C VAL A 41 1.36 0.27 5.54
N ILE A 42 2.48 0.50 6.25
CA ILE A 42 3.35 -0.61 6.67
C ILE A 42 2.66 -1.47 7.72
N ARG A 43 1.98 -0.84 8.67
CA ARG A 43 1.28 -1.56 9.72
C ARG A 43 0.26 -2.53 9.12
N LYS A 44 -0.49 -2.05 8.12
CA LYS A 44 -1.49 -2.87 7.45
C LYS A 44 -0.82 -3.97 6.64
N ALA A 45 0.24 -3.62 5.91
CA ALA A 45 0.99 -4.58 5.11
C ALA A 45 1.55 -5.69 6.00
N MET A 46 1.97 -5.33 7.22
CA MET A 46 2.51 -6.29 8.18
C MET A 46 1.42 -7.28 8.61
N ASP A 47 0.16 -6.81 8.67
CA ASP A 47 -0.95 -7.69 9.05
C ASP A 47 -1.07 -8.84 8.05
N LYS A 48 -0.75 -8.56 6.78
CA LYS A 48 -0.78 -9.58 5.73
C LYS A 48 0.58 -10.27 5.63
N HIS A 49 1.64 -9.58 6.09
CA HIS A 49 2.99 -10.09 6.08
C HIS A 49 3.56 -10.05 7.50
N ASN A 50 2.87 -10.70 8.43
CA ASN A 50 3.29 -10.72 9.83
C ASN A 50 4.59 -11.51 10.01
N LEU A 51 5.64 -11.09 9.30
CA LEU A 51 6.93 -11.75 9.38
C LEU A 51 8.06 -10.73 9.55
N GLU A 52 8.18 -10.20 10.77
CA GLU A 52 9.22 -9.22 11.10
C GLU A 52 9.20 -8.02 10.15
N GLU A 53 8.00 -7.64 9.70
CA GLU A 53 7.84 -6.52 8.78
C GLU A 53 6.92 -5.44 9.39
N GLU A 54 7.17 -5.10 10.66
CA GLU A 54 6.36 -4.10 11.36
C GLU A 54 7.20 -2.86 11.67
N GLU A 55 7.26 -1.95 10.69
CA GLU A 55 8.00 -0.70 10.84
C GLU A 55 7.26 0.42 10.11
N PRO A 56 6.28 1.06 10.80
CA PRO A 56 5.44 2.13 10.22
C PRO A 56 6.21 3.34 9.67
N GLU A 57 7.39 3.61 10.21
CA GLU A 57 8.18 4.76 9.77
C GLU A 57 9.56 4.34 9.22
N ASP A 58 9.65 3.14 8.67
CA ASP A 58 10.93 2.65 8.14
C ASP A 58 10.86 2.21 6.68
N TYR A 59 9.70 2.37 6.02
CA TYR A 59 9.57 1.92 4.64
C TYR A 59 9.30 3.03 3.63
N GLU A 60 9.46 2.65 2.38
CA GLU A 60 9.22 3.51 1.23
C GLU A 60 8.11 2.88 0.40
N LEU A 61 7.27 3.71 -0.22
CA LEU A 61 6.17 3.19 -1.02
C LEU A 61 6.38 3.36 -2.51
N LEU A 62 5.93 2.35 -3.26
CA LEU A 62 6.01 2.35 -4.72
C LEU A 62 4.75 1.71 -5.30
N GLN A 63 4.16 2.28 -6.34
CA GLN A 63 2.93 1.71 -6.90
C GLN A 63 2.92 1.64 -8.42
N ILE A 64 2.31 0.57 -8.92
CA ILE A 64 2.17 0.34 -10.36
C ILE A 64 0.74 0.67 -10.79
N LEU A 65 0.59 1.72 -11.60
CA LEU A 65 -0.72 2.16 -12.07
C LEU A 65 -0.78 2.16 -13.61
N SER A 66 -1.62 3.03 -14.17
CA SER A 66 -1.78 3.16 -15.61
C SER A 66 -1.26 4.53 -16.06
N ASP A 67 -1.98 5.57 -15.66
CA ASP A 67 -1.58 6.94 -15.97
C ASP A 67 -0.22 7.23 -15.33
N ASP A 68 0.11 6.45 -14.29
CA ASP A 68 1.37 6.55 -13.58
C ASP A 68 1.94 5.15 -13.40
N ARG A 69 2.10 4.45 -14.54
CA ARG A 69 2.59 3.07 -14.61
C ARG A 69 3.34 2.61 -13.35
N LYS A 70 4.28 3.43 -12.89
CA LYS A 70 5.04 3.11 -11.68
C LYS A 70 5.44 4.39 -10.94
N LEU A 71 5.18 4.41 -9.64
CA LEU A 71 5.49 5.57 -8.80
C LEU A 71 6.22 5.14 -7.52
N LYS A 72 6.89 6.09 -6.87
CA LYS A 72 7.62 5.79 -5.64
C LYS A 72 7.80 7.07 -4.80
N ILE A 73 7.46 6.98 -3.52
CA ILE A 73 7.58 8.12 -2.61
C ILE A 73 8.30 7.72 -1.31
N PRO A 74 9.18 8.60 -0.79
CA PRO A 74 9.94 8.35 0.45
C PRO A 74 9.05 7.97 1.64
N GLU A 75 9.68 7.72 2.79
CA GLU A 75 8.99 7.33 4.03
C GLU A 75 7.68 8.10 4.25
N ASN A 76 7.58 9.33 3.75
CA ASN A 76 6.36 10.12 3.90
C ASN A 76 5.25 9.63 2.95
N ALA A 77 4.94 8.33 3.03
CA ALA A 77 3.91 7.72 2.19
C ALA A 77 2.53 8.36 2.40
N ASN A 78 2.40 9.16 3.45
CA ASN A 78 1.15 9.85 3.75
C ASN A 78 0.58 10.53 2.49
N VAL A 79 1.48 11.12 1.71
CA VAL A 79 1.11 11.79 0.46
C VAL A 79 1.03 10.81 -0.71
N PHE A 80 1.88 9.77 -0.67
CA PHE A 80 1.93 8.74 -1.71
C PHE A 80 0.53 8.20 -2.05
N TYR A 81 -0.29 7.97 -1.03
CA TYR A 81 -1.64 7.44 -1.23
C TYR A 81 -2.50 8.36 -2.10
N ALA A 82 -2.30 9.67 -1.96
CA ALA A 82 -3.05 10.65 -2.74
C ALA A 82 -2.56 10.68 -4.21
N MET A 83 -1.39 10.11 -4.47
CA MET A 83 -0.83 10.09 -5.82
C MET A 83 -1.09 8.76 -6.54
N ASN A 84 -0.97 7.65 -5.82
CA ASN A 84 -1.19 6.32 -6.41
C ASN A 84 -2.67 5.92 -6.47
N SER A 85 -3.55 6.88 -6.74
CA SER A 85 -4.98 6.59 -6.82
C SER A 85 -5.59 7.06 -8.15
N THR A 86 -4.93 6.71 -9.27
CA THR A 86 -5.42 7.10 -10.60
C THR A 86 -6.22 5.97 -11.25
N ALA A 87 -5.80 4.72 -11.03
CA ALA A 87 -6.48 3.56 -11.61
C ALA A 87 -6.19 2.28 -10.83
N ASN A 88 -5.07 1.63 -11.18
CA ASN A 88 -4.66 0.39 -10.51
C ASN A 88 -4.21 0.66 -9.07
N TYR A 89 -4.10 -0.40 -8.27
CA TYR A 89 -3.68 -0.25 -6.89
C TYR A 89 -2.72 -1.36 -6.47
N ASP A 90 -1.64 -1.53 -7.24
CA ASP A 90 -0.63 -2.54 -6.95
C ASP A 90 0.68 -1.85 -6.57
N PHE A 91 0.98 -1.88 -5.27
CA PHE A 91 2.16 -1.21 -4.78
C PHE A 91 3.16 -2.12 -4.08
N VAL A 92 4.40 -1.68 -4.10
CA VAL A 92 5.51 -2.39 -3.48
C VAL A 92 5.99 -1.63 -2.24
N LEU A 93 5.97 -2.33 -1.11
CA LEU A 93 6.41 -1.75 0.15
C LEU A 93 7.87 -2.11 0.39
N LYS A 94 8.76 -1.17 0.08
CA LYS A 94 10.20 -1.37 0.23
C LYS A 94 10.76 -0.58 1.40
N LYS A 95 11.34 -1.28 2.37
CA LYS A 95 11.92 -0.65 3.55
C LYS A 95 13.01 0.36 3.16
N ARG A 96 12.99 1.53 3.79
CA ARG A 96 13.95 2.58 3.52
C ARG A 96 15.28 2.30 4.24
N THR A 97 16.26 1.81 3.48
CA THR A 97 17.57 1.50 4.04
C THR A 97 18.67 1.62 2.97
N ALA A 1 -25.38 -11.33 0.86
CA ALA A 1 -25.71 -9.90 1.13
C ALA A 1 -25.22 -9.00 -0.01
N LEU A 2 -23.92 -9.06 -0.31
CA LEU A 2 -23.34 -8.25 -1.39
C LEU A 2 -22.34 -9.07 -2.22
N PRO A 3 -22.11 -8.66 -3.48
CA PRO A 3 -21.18 -9.35 -4.38
C PRO A 3 -19.73 -8.92 -4.17
N LEU A 4 -18.83 -9.43 -5.01
CA LEU A 4 -17.41 -9.10 -4.93
C LEU A 4 -17.17 -7.62 -5.22
N TYR A 5 -15.96 -7.14 -4.89
CA TYR A 5 -15.60 -5.74 -5.10
C TYR A 5 -15.87 -5.30 -6.54
N ASN A 6 -16.91 -4.48 -6.72
CA ASN A 6 -17.28 -3.98 -8.04
C ASN A 6 -17.40 -2.45 -8.02
N GLN A 7 -18.30 -1.93 -7.19
CA GLN A 7 -18.51 -0.50 -7.08
C GLN A 7 -18.35 -0.05 -5.63
N GLN A 8 -17.22 0.60 -5.33
CA GLN A 8 -16.95 1.09 -3.98
C GLN A 8 -16.61 2.58 -3.99
N VAL A 9 -17.45 3.38 -3.33
CA VAL A 9 -17.24 4.82 -3.26
C VAL A 9 -17.58 5.36 -1.86
N GLY A 10 -16.55 5.68 -1.08
CA GLY A 10 -16.78 6.20 0.27
C GLY A 10 -15.51 6.71 0.92
N ASP A 11 -15.31 6.35 2.18
CA ASP A 11 -14.12 6.78 2.93
C ASP A 11 -13.13 5.63 3.11
N CYS A 12 -12.86 4.91 2.01
CA CYS A 12 -11.93 3.79 2.05
C CYS A 12 -11.60 3.31 0.63
N CYS A 13 -10.63 2.39 0.53
CA CYS A 13 -10.20 1.84 -0.76
C CYS A 13 -9.52 0.48 -0.58
N ILE A 14 -8.83 0.00 -1.62
CA ILE A 14 -8.13 -1.29 -1.56
C ILE A 14 -6.72 -1.15 -2.10
N ILE A 15 -5.85 -2.09 -1.71
CA ILE A 15 -4.45 -2.05 -2.14
C ILE A 15 -3.82 -3.44 -2.15
N ARG A 16 -2.94 -3.67 -3.12
CA ARG A 16 -2.21 -4.92 -3.24
C ARG A 16 -0.73 -4.62 -3.01
N VAL A 17 -0.30 -4.75 -1.76
CA VAL A 17 1.08 -4.46 -1.36
C VAL A 17 2.03 -5.65 -1.53
N SER A 18 3.32 -5.35 -1.68
CA SER A 18 4.36 -6.37 -1.81
C SER A 18 5.58 -5.95 -0.97
N LEU A 19 6.64 -6.76 -1.00
CA LEU A 19 7.86 -6.45 -0.25
C LEU A 19 9.10 -6.99 -0.96
N ASP A 20 10.13 -6.15 -1.08
CA ASP A 20 11.37 -6.55 -1.74
C ASP A 20 12.57 -5.72 -1.29
N VAL A 21 13.01 -5.95 -0.05
CA VAL A 21 14.16 -5.23 0.52
C VAL A 21 14.86 -6.09 1.57
N ASP A 22 14.31 -6.12 2.77
CA ASP A 22 14.87 -6.90 3.87
C ASP A 22 13.97 -8.10 4.20
N ASN A 23 12.73 -8.07 3.69
CA ASN A 23 11.78 -9.15 3.93
C ASN A 23 11.05 -9.52 2.63
N GLY A 24 11.63 -10.46 1.89
CA GLY A 24 11.04 -10.90 0.63
C GLY A 24 9.76 -11.68 0.82
N ASN A 25 8.63 -10.96 0.89
CA ASN A 25 7.33 -11.58 1.09
C ASN A 25 6.50 -11.55 -0.20
N MET A 26 5.47 -12.40 -0.25
CA MET A 26 4.59 -12.48 -1.41
C MET A 26 3.57 -11.33 -1.41
N TYR A 27 2.98 -11.07 -2.57
CA TYR A 27 1.98 -10.00 -2.71
C TYR A 27 0.76 -10.25 -1.82
N LYS A 28 0.27 -9.19 -1.18
CA LYS A 28 -0.90 -9.28 -0.31
C LYS A 28 -1.72 -8.00 -0.38
N SER A 29 -3.04 -8.13 -0.40
CA SER A 29 -3.92 -6.96 -0.47
C SER A 29 -4.37 -6.50 0.93
N ILE A 30 -4.53 -5.18 1.08
CA ILE A 30 -4.96 -4.60 2.34
C ILE A 30 -5.97 -3.47 2.10
N LEU A 31 -6.88 -3.27 3.05
CA LEU A 31 -7.89 -2.22 2.93
C LEU A 31 -7.28 -0.84 3.16
N VAL A 32 -7.78 0.14 2.42
CA VAL A 32 -7.29 1.52 2.53
C VAL A 32 -8.37 2.44 3.09
N THR A 33 -7.95 3.52 3.73
CA THR A 33 -8.91 4.48 4.30
C THR A 33 -8.97 5.75 3.44
N SER A 34 -9.91 6.64 3.76
CA SER A 34 -10.09 7.89 3.02
C SER A 34 -8.78 8.71 2.97
N GLN A 35 -8.04 8.73 4.07
CA GLN A 35 -6.79 9.46 4.13
C GLN A 35 -5.72 8.69 4.93
N ASP A 36 -5.32 7.54 4.40
CA ASP A 36 -4.31 6.71 5.06
C ASP A 36 -2.96 7.44 5.10
N LYS A 37 -2.08 6.98 5.97
CA LYS A 37 -0.76 7.59 6.11
C LYS A 37 0.35 6.54 6.17
N ALA A 38 1.59 6.96 5.89
CA ALA A 38 2.75 6.07 5.90
C ALA A 38 2.71 5.03 7.02
N PRO A 39 2.62 5.46 8.30
CA PRO A 39 2.56 4.55 9.45
C PRO A 39 1.50 3.46 9.30
N ALA A 40 0.32 3.84 8.81
CA ALA A 40 -0.77 2.90 8.61
C ALA A 40 -0.49 1.99 7.41
N VAL A 41 0.14 2.55 6.38
CA VAL A 41 0.47 1.79 5.17
C VAL A 41 1.27 0.54 5.52
N ILE A 42 2.40 0.73 6.22
CA ILE A 42 3.25 -0.39 6.61
C ILE A 42 2.57 -1.26 7.65
N ARG A 43 1.92 -0.62 8.63
CA ARG A 43 1.21 -1.35 9.68
C ARG A 43 0.19 -2.30 9.07
N LYS A 44 -0.57 -1.81 8.09
CA LYS A 44 -1.57 -2.62 7.40
C LYS A 44 -0.90 -3.71 6.58
N ALA A 45 0.17 -3.35 5.87
CA ALA A 45 0.92 -4.31 5.06
C ALA A 45 1.48 -5.43 5.93
N MET A 46 1.87 -5.09 7.16
CA MET A 46 2.40 -6.06 8.11
C MET A 46 1.32 -7.07 8.51
N ASP A 47 0.07 -6.61 8.59
CA ASP A 47 -1.04 -7.49 8.95
C ASP A 47 -1.13 -8.67 7.97
N LYS A 48 -0.80 -8.40 6.71
CA LYS A 48 -0.80 -9.44 5.68
C LYS A 48 0.59 -10.09 5.60
N HIS A 49 1.63 -9.32 5.93
CA HIS A 49 3.00 -9.79 5.93
C HIS A 49 3.55 -9.80 7.36
N ASN A 50 2.87 -10.53 8.24
CA ASN A 50 3.28 -10.61 9.64
C ASN A 50 4.56 -11.43 9.80
N LEU A 51 5.63 -10.98 9.15
CA LEU A 51 6.92 -11.66 9.20
C LEU A 51 8.06 -10.66 9.41
N GLU A 52 8.16 -10.14 10.64
CA GLU A 52 9.20 -9.17 10.99
C GLU A 52 9.19 -7.95 10.05
N GLU A 53 7.99 -7.52 9.65
CA GLU A 53 7.84 -6.37 8.76
C GLU A 53 6.93 -5.31 9.38
N GLU A 54 7.17 -5.01 10.66
CA GLU A 54 6.38 -4.01 11.37
C GLU A 54 7.20 -2.74 11.63
N GLU A 55 7.21 -1.86 10.64
CA GLU A 55 7.94 -0.58 10.73
C GLU A 55 7.15 0.52 10.03
N PRO A 56 6.16 1.11 10.73
CA PRO A 56 5.28 2.17 10.18
C PRO A 56 6.03 3.37 9.61
N GLU A 57 7.22 3.66 10.13
CA GLU A 57 8.01 4.80 9.67
C GLU A 57 9.42 4.40 9.22
N ASP A 58 9.53 3.25 8.55
CA ASP A 58 10.84 2.78 8.08
C ASP A 58 10.79 2.19 6.66
N TYR A 59 9.73 2.51 5.90
CA TYR A 59 9.61 1.95 4.55
C TYR A 59 9.29 3.01 3.49
N GLU A 60 9.46 2.60 2.24
CA GLU A 60 9.17 3.43 1.08
C GLU A 60 8.05 2.79 0.27
N LEU A 61 7.25 3.60 -0.40
CA LEU A 61 6.14 3.07 -1.18
C LEU A 61 6.32 3.29 -2.68
N LEU A 62 5.93 2.27 -3.46
CA LEU A 62 6.01 2.31 -4.91
C LEU A 62 4.77 1.63 -5.50
N GLN A 63 4.05 2.30 -6.39
CA GLN A 63 2.84 1.70 -6.98
C GLN A 63 2.87 1.65 -8.50
N ILE A 64 2.30 0.57 -9.03
CA ILE A 64 2.19 0.35 -10.46
C ILE A 64 0.79 0.75 -10.93
N LEU A 65 0.71 1.84 -11.70
CA LEU A 65 -0.59 2.33 -12.18
C LEU A 65 -0.59 2.47 -13.72
N SER A 66 -1.59 3.17 -14.24
CA SER A 66 -1.73 3.39 -15.68
C SER A 66 -1.16 4.76 -16.04
N ASP A 67 -1.83 5.81 -15.58
CA ASP A 67 -1.36 7.18 -15.82
C ASP A 67 0.00 7.39 -15.15
N ASP A 68 0.27 6.59 -14.12
CA ASP A 68 1.53 6.64 -13.39
C ASP A 68 2.14 5.24 -13.33
N ARG A 69 2.44 4.69 -14.51
CA ARG A 69 3.01 3.34 -14.67
C ARG A 69 3.64 2.80 -13.39
N LYS A 70 4.59 3.54 -12.84
CA LYS A 70 5.25 3.14 -11.60
C LYS A 70 5.69 4.38 -10.81
N LEU A 71 5.06 4.58 -9.65
CA LEU A 71 5.36 5.72 -8.79
C LEU A 71 6.15 5.26 -7.56
N LYS A 72 6.81 6.21 -6.88
CA LYS A 72 7.59 5.90 -5.69
C LYS A 72 7.74 7.13 -4.80
N ILE A 73 7.41 6.97 -3.52
CA ILE A 73 7.51 8.06 -2.55
C ILE A 73 8.30 7.64 -1.31
N PRO A 74 9.16 8.53 -0.79
CA PRO A 74 9.98 8.25 0.41
C PRO A 74 9.14 7.90 1.64
N GLU A 75 9.81 7.72 2.79
CA GLU A 75 9.15 7.37 4.05
C GLU A 75 7.82 8.09 4.26
N ASN A 76 7.71 9.33 3.78
CA ASN A 76 6.46 10.09 3.91
C ASN A 76 5.38 9.59 2.94
N ALA A 77 5.08 8.29 3.04
CA ALA A 77 4.07 7.65 2.19
C ALA A 77 2.67 8.23 2.42
N ASN A 78 2.52 9.05 3.46
CA ASN A 78 1.23 9.68 3.77
C ASN A 78 0.62 10.31 2.52
N VAL A 79 1.46 10.96 1.72
CA VAL A 79 1.02 11.59 0.47
C VAL A 79 0.91 10.57 -0.66
N PHE A 80 1.80 9.56 -0.65
CA PHE A 80 1.82 8.51 -1.66
C PHE A 80 0.44 7.87 -1.84
N TYR A 81 -0.24 7.59 -0.73
CA TYR A 81 -1.57 6.96 -0.79
C TYR A 81 -2.56 7.79 -1.62
N ALA A 82 -2.38 9.11 -1.63
CA ALA A 82 -3.25 9.99 -2.40
C ALA A 82 -2.81 10.05 -3.87
N MET A 83 -1.51 9.87 -4.11
CA MET A 83 -0.95 9.91 -5.46
C MET A 83 -1.23 8.60 -6.22
N ASN A 84 -1.03 7.46 -5.56
CA ASN A 84 -1.23 6.16 -6.18
C ASN A 84 -2.73 5.77 -6.26
N SER A 85 -3.56 6.70 -6.72
CA SER A 85 -5.00 6.44 -6.84
C SER A 85 -5.56 6.94 -8.18
N THR A 86 -4.90 6.57 -9.29
CA THR A 86 -5.35 6.98 -10.62
C THR A 86 -6.16 5.87 -11.31
N ALA A 87 -5.73 4.62 -11.15
CA ALA A 87 -6.42 3.49 -11.75
C ALA A 87 -6.13 2.19 -11.00
N ASN A 88 -4.95 1.62 -11.24
CA ASN A 88 -4.55 0.38 -10.59
C ASN A 88 -4.16 0.62 -9.12
N TYR A 89 -4.08 -0.45 -8.34
CA TYR A 89 -3.71 -0.33 -6.94
C TYR A 89 -2.73 -1.43 -6.52
N ASP A 90 -1.65 -1.58 -7.28
CA ASP A 90 -0.62 -2.58 -7.00
C ASP A 90 0.68 -1.89 -6.61
N PHE A 91 1.00 -1.91 -5.32
CA PHE A 91 2.20 -1.25 -4.83
C PHE A 91 3.17 -2.19 -4.12
N VAL A 92 4.44 -1.77 -4.13
CA VAL A 92 5.51 -2.53 -3.50
C VAL A 92 6.04 -1.78 -2.27
N LEU A 93 6.00 -2.44 -1.12
CA LEU A 93 6.48 -1.85 0.12
C LEU A 93 7.95 -2.20 0.33
N LYS A 94 8.83 -1.23 0.09
CA LYS A 94 10.27 -1.43 0.23
C LYS A 94 10.83 -0.63 1.40
N LYS A 95 11.43 -1.32 2.37
CA LYS A 95 12.01 -0.67 3.54
C LYS A 95 13.03 0.41 3.12
N ARG A 96 13.00 1.53 3.83
CA ARG A 96 13.90 2.65 3.56
C ARG A 96 15.30 2.38 4.12
N THR A 97 16.12 1.72 3.31
CA THR A 97 17.50 1.39 3.72
C THR A 97 18.41 1.27 2.49
N ALA A 1 -25.86 -11.43 1.68
CA ALA A 1 -26.20 -9.99 1.91
C ALA A 1 -25.64 -9.10 0.80
N LEU A 2 -24.31 -9.17 0.59
CA LEU A 2 -23.66 -8.37 -0.44
C LEU A 2 -22.59 -9.18 -1.17
N PRO A 3 -22.24 -8.78 -2.41
CA PRO A 3 -21.22 -9.47 -3.21
C PRO A 3 -19.81 -8.99 -2.88
N LEU A 4 -18.82 -9.56 -3.58
CA LEU A 4 -17.41 -9.19 -3.38
C LEU A 4 -17.15 -7.75 -3.80
N TYR A 5 -15.99 -7.21 -3.40
CA TYR A 5 -15.61 -5.83 -3.73
C TYR A 5 -15.76 -5.56 -5.23
N ASN A 6 -16.75 -4.74 -5.57
CA ASN A 6 -17.02 -4.38 -6.97
C ASN A 6 -17.21 -2.87 -7.11
N GLN A 7 -18.29 -2.36 -6.51
CA GLN A 7 -18.60 -0.94 -6.56
C GLN A 7 -18.69 -0.36 -5.15
N GLN A 8 -17.67 0.40 -4.75
CA GLN A 8 -17.62 0.99 -3.42
C GLN A 8 -17.56 2.52 -3.51
N VAL A 9 -18.34 3.20 -2.66
CA VAL A 9 -18.36 4.66 -2.64
C VAL A 9 -17.99 5.20 -1.26
N GLY A 10 -16.76 5.69 -1.13
CA GLY A 10 -16.29 6.22 0.14
C GLY A 10 -14.88 6.78 0.06
N ASP A 11 -14.07 6.50 1.08
CA ASP A 11 -12.69 6.97 1.11
C ASP A 11 -11.73 5.84 1.43
N CYS A 12 -11.97 4.66 0.84
CA CYS A 12 -11.11 3.50 1.05
C CYS A 12 -11.21 2.52 -0.12
N CYS A 13 -10.17 1.70 -0.29
CA CYS A 13 -10.13 0.71 -1.36
C CYS A 13 -9.23 -0.47 -0.98
N ILE A 14 -9.05 -1.39 -1.93
CA ILE A 14 -8.20 -2.56 -1.68
C ILE A 14 -6.79 -2.30 -2.17
N ILE A 15 -5.85 -2.39 -1.25
CA ILE A 15 -4.45 -2.14 -1.56
C ILE A 15 -3.63 -3.42 -1.63
N ARG A 16 -3.06 -3.68 -2.80
CA ARG A 16 -2.21 -4.85 -2.99
C ARG A 16 -0.77 -4.46 -2.74
N VAL A 17 -0.31 -4.68 -1.50
CA VAL A 17 1.04 -4.32 -1.09
C VAL A 17 2.05 -5.45 -1.38
N SER A 18 3.31 -5.08 -1.61
CA SER A 18 4.36 -6.07 -1.87
C SER A 18 5.71 -5.60 -1.31
N LEU A 19 6.30 -6.41 -0.45
CA LEU A 19 7.59 -6.09 0.15
C LEU A 19 8.73 -6.59 -0.74
N ASP A 20 9.78 -5.76 -0.90
CA ASP A 20 10.92 -6.14 -1.74
C ASP A 20 12.18 -5.37 -1.36
N VAL A 21 12.71 -5.65 -0.17
CA VAL A 21 13.94 -4.99 0.30
C VAL A 21 14.73 -5.93 1.22
N ASP A 22 14.30 -6.04 2.48
CA ASP A 22 14.96 -6.90 3.45
C ASP A 22 14.11 -8.14 3.75
N ASN A 23 12.86 -8.14 3.26
CA ASN A 23 11.95 -9.26 3.47
C ASN A 23 11.18 -9.57 2.18
N GLY A 24 11.73 -10.48 1.37
CA GLY A 24 11.10 -10.86 0.12
C GLY A 24 9.85 -11.69 0.33
N ASN A 25 8.71 -11.01 0.41
CA ASN A 25 7.42 -11.68 0.62
C ASN A 25 6.50 -11.52 -0.59
N MET A 26 5.41 -12.28 -0.61
CA MET A 26 4.44 -12.23 -1.70
C MET A 26 3.49 -11.05 -1.54
N TYR A 27 2.71 -10.76 -2.59
CA TYR A 27 1.75 -9.66 -2.56
C TYR A 27 0.66 -9.90 -1.52
N LYS A 28 0.14 -8.83 -0.94
CA LYS A 28 -0.92 -8.92 0.06
C LYS A 28 -1.89 -7.74 -0.06
N SER A 29 -3.16 -8.04 -0.29
CA SER A 29 -4.17 -6.99 -0.41
C SER A 29 -4.76 -6.64 0.95
N ILE A 30 -4.85 -5.34 1.23
CA ILE A 30 -5.40 -4.85 2.50
C ILE A 30 -6.31 -3.64 2.26
N LEU A 31 -7.39 -3.56 3.05
CA LEU A 31 -8.32 -2.44 2.93
C LEU A 31 -7.70 -1.18 3.53
N VAL A 32 -7.48 -0.18 2.68
CA VAL A 32 -6.86 1.08 3.10
C VAL A 32 -7.66 2.28 2.61
N THR A 33 -7.52 3.42 3.30
CA THR A 33 -8.22 4.64 2.92
C THR A 33 -7.44 5.37 1.82
N SER A 34 -8.16 6.08 0.96
CA SER A 34 -7.54 6.82 -0.14
C SER A 34 -6.54 7.85 0.41
N GLN A 35 -6.80 8.35 1.62
CA GLN A 35 -5.93 9.33 2.26
C GLN A 35 -5.27 8.73 3.51
N ASP A 36 -4.70 7.54 3.37
CA ASP A 36 -4.02 6.86 4.47
C ASP A 36 -2.62 7.47 4.72
N LYS A 37 -1.86 6.85 5.62
CA LYS A 37 -0.52 7.34 5.95
C LYS A 37 0.48 6.18 6.03
N ALA A 38 1.77 6.50 5.88
CA ALA A 38 2.82 5.49 5.93
C ALA A 38 2.66 4.53 7.12
N PRO A 39 2.71 5.04 8.37
CA PRO A 39 2.58 4.21 9.58
C PRO A 39 1.31 3.36 9.59
N ALA A 40 0.21 3.92 9.07
CA ALA A 40 -1.07 3.21 9.03
C ALA A 40 -1.06 2.15 7.92
N VAL A 41 -0.42 2.46 6.80
CA VAL A 41 -0.33 1.54 5.67
C VAL A 41 0.58 0.37 6.01
N ILE A 42 1.78 0.67 6.51
CA ILE A 42 2.74 -0.37 6.89
C ILE A 42 2.14 -1.27 7.97
N ARG A 43 1.36 -0.67 8.88
CA ARG A 43 0.71 -1.43 9.96
C ARG A 43 -0.20 -2.50 9.37
N LYS A 44 -1.04 -2.11 8.40
CA LYS A 44 -1.95 -3.05 7.74
C LYS A 44 -1.16 -4.08 6.93
N ALA A 45 -0.15 -3.61 6.20
CA ALA A 45 0.69 -4.49 5.38
C ALA A 45 1.40 -5.51 6.27
N MET A 46 1.85 -5.08 7.45
CA MET A 46 2.53 -5.96 8.39
C MET A 46 1.62 -7.11 8.82
N ASP A 47 0.31 -6.83 8.93
CA ASP A 47 -0.67 -7.86 9.30
C ASP A 47 -0.66 -9.00 8.29
N LYS A 48 -0.30 -8.68 7.04
CA LYS A 48 -0.22 -9.67 5.98
C LYS A 48 1.24 -10.08 5.73
N HIS A 49 2.17 -9.35 6.35
CA HIS A 49 3.60 -9.60 6.21
C HIS A 49 4.24 -9.77 7.59
N ASN A 50 3.61 -10.57 8.46
CA ASN A 50 4.12 -10.80 9.82
C ASN A 50 5.40 -11.64 9.79
N LEU A 51 6.41 -11.17 9.05
CA LEU A 51 7.69 -11.85 8.93
C LEU A 51 8.83 -10.83 8.91
N GLU A 52 9.14 -10.28 10.09
CA GLU A 52 10.19 -9.27 10.22
C GLU A 52 9.89 -8.04 9.36
N GLU A 53 8.59 -7.75 9.17
CA GLU A 53 8.16 -6.61 8.36
C GLU A 53 7.13 -5.77 9.13
N GLU A 54 7.42 -5.49 10.41
CA GLU A 54 6.52 -4.72 11.25
C GLU A 54 7.16 -3.40 11.72
N GLU A 55 7.39 -2.50 10.77
CA GLU A 55 8.00 -1.20 11.08
C GLU A 55 7.22 -0.08 10.39
N PRO A 56 6.16 0.44 11.04
CA PRO A 56 5.31 1.51 10.48
C PRO A 56 6.08 2.77 10.08
N GLU A 57 7.22 3.01 10.69
CA GLU A 57 8.04 4.18 10.39
C GLU A 57 9.42 3.80 9.85
N ASP A 58 9.48 2.78 9.01
CA ASP A 58 10.75 2.32 8.45
C ASP A 58 10.61 1.80 7.01
N TYR A 59 9.61 2.28 6.27
CA TYR A 59 9.40 1.81 4.89
C TYR A 59 9.11 2.93 3.91
N GLU A 60 9.31 2.59 2.64
CA GLU A 60 9.04 3.49 1.52
C GLU A 60 7.85 2.93 0.74
N LEU A 61 7.12 3.78 0.02
CA LEU A 61 5.96 3.31 -0.70
C LEU A 61 6.00 3.63 -2.20
N LEU A 62 5.86 2.58 -3.00
CA LEU A 62 5.83 2.68 -4.45
C LEU A 62 4.47 2.21 -4.96
N GLN A 63 4.09 2.62 -6.18
CA GLN A 63 2.79 2.21 -6.72
C GLN A 63 2.84 1.87 -8.20
N ILE A 64 2.11 0.81 -8.55
CA ILE A 64 2.01 0.35 -9.92
C ILE A 64 0.58 0.61 -10.43
N LEU A 65 0.46 1.47 -11.44
CA LEU A 65 -0.84 1.82 -12.00
C LEU A 65 -0.84 1.75 -13.52
N SER A 66 -1.86 2.32 -14.15
CA SER A 66 -1.99 2.32 -15.61
C SER A 66 -1.36 3.60 -16.17
N ASP A 67 -2.01 4.73 -15.91
CA ASP A 67 -1.50 6.03 -16.34
C ASP A 67 -0.19 6.35 -15.62
N ASP A 68 -0.02 5.76 -14.44
CA ASP A 68 1.17 5.94 -13.63
C ASP A 68 1.86 4.59 -13.44
N ARG A 69 2.11 3.91 -14.56
CA ARG A 69 2.74 2.58 -14.61
C ARG A 69 3.42 2.19 -13.29
N LYS A 70 4.45 2.93 -12.90
CA LYS A 70 5.17 2.66 -11.67
C LYS A 70 5.76 3.95 -11.08
N LEU A 71 5.47 4.19 -9.80
CA LEU A 71 5.96 5.38 -9.11
C LEU A 71 6.50 5.02 -7.73
N LYS A 72 7.33 5.89 -7.15
CA LYS A 72 7.89 5.64 -5.82
C LYS A 72 7.94 6.92 -4.99
N ILE A 73 7.53 6.81 -3.73
CA ILE A 73 7.52 7.94 -2.81
C ILE A 73 8.18 7.58 -1.48
N PRO A 74 9.00 8.49 -0.92
CA PRO A 74 9.71 8.28 0.35
C PRO A 74 8.79 7.88 1.51
N GLU A 75 9.39 7.71 2.70
CA GLU A 75 8.68 7.33 3.92
C GLU A 75 7.36 8.09 4.11
N ASN A 76 7.26 9.30 3.57
CA ASN A 76 6.04 10.10 3.71
C ASN A 76 4.91 9.58 2.80
N ALA A 77 4.49 8.34 3.05
CA ALA A 77 3.41 7.72 2.29
C ALA A 77 2.12 8.51 2.39
N ASN A 78 1.97 9.28 3.47
CA ASN A 78 0.79 10.11 3.69
C ASN A 78 0.45 10.91 2.43
N VAL A 79 1.46 11.52 1.83
CA VAL A 79 1.29 12.32 0.62
C VAL A 79 1.28 11.42 -0.63
N PHE A 80 2.02 10.32 -0.57
CA PHE A 80 2.10 9.36 -1.67
C PHE A 80 0.71 8.91 -2.14
N TYR A 81 -0.16 8.60 -1.19
CA TYR A 81 -1.51 8.14 -1.50
C TYR A 81 -2.38 9.25 -2.09
N ALA A 82 -2.03 10.50 -1.83
CA ALA A 82 -2.77 11.64 -2.37
C ALA A 82 -2.35 11.96 -3.82
N MET A 83 -1.46 11.13 -4.39
CA MET A 83 -0.98 11.34 -5.75
C MET A 83 -1.22 10.11 -6.65
N ASN A 84 -0.89 8.92 -6.13
CA ASN A 84 -1.05 7.68 -6.90
C ASN A 84 -2.50 7.21 -6.97
N SER A 85 -3.27 7.41 -5.88
CA SER A 85 -4.67 6.96 -5.83
C SER A 85 -5.50 7.57 -6.97
N THR A 86 -5.54 6.90 -8.11
CA THR A 86 -6.30 7.38 -9.27
C THR A 86 -7.11 6.25 -9.94
N ALA A 87 -6.52 5.05 -10.03
CA ALA A 87 -7.20 3.91 -10.64
C ALA A 87 -6.82 2.59 -9.97
N ASN A 88 -5.62 2.10 -10.28
CA ASN A 88 -5.12 0.85 -9.69
C ASN A 88 -4.57 1.09 -8.28
N TYR A 89 -4.46 0.01 -7.50
CA TYR A 89 -3.95 0.12 -6.14
C TYR A 89 -2.94 -0.99 -5.83
N ASP A 90 -1.98 -1.19 -6.76
CA ASP A 90 -0.94 -2.19 -6.60
C ASP A 90 0.37 -1.51 -6.22
N PHE A 91 0.56 -1.33 -4.91
CA PHE A 91 1.74 -0.64 -4.40
C PHE A 91 2.78 -1.58 -3.82
N VAL A 92 4.03 -1.11 -3.85
CA VAL A 92 5.17 -1.86 -3.32
C VAL A 92 5.67 -1.22 -2.03
N LEU A 93 5.69 -2.01 -0.96
CA LEU A 93 6.16 -1.53 0.33
C LEU A 93 7.62 -1.93 0.54
N LYS A 94 8.53 -1.03 0.17
CA LYS A 94 9.96 -1.30 0.30
C LYS A 94 10.56 -0.60 1.51
N LYS A 95 11.16 -1.38 2.41
CA LYS A 95 11.79 -0.84 3.62
C LYS A 95 12.66 0.37 3.30
N ARG A 96 12.71 1.33 4.22
CA ARG A 96 13.49 2.55 4.04
C ARG A 96 14.96 2.31 4.42
N THR A 97 15.73 1.81 3.46
CA THR A 97 17.16 1.55 3.68
C THR A 97 17.94 1.63 2.36
N ALA A 1 -25.39 -10.83 2.38
CA ALA A 1 -25.95 -9.45 2.41
C ALA A 1 -25.51 -8.64 1.18
N LEU A 2 -24.19 -8.55 0.97
CA LEU A 2 -23.65 -7.81 -0.17
C LEU A 2 -22.70 -8.69 -1.00
N PRO A 3 -22.50 -8.34 -2.28
CA PRO A 3 -21.61 -9.09 -3.18
C PRO A 3 -20.15 -8.62 -3.09
N LEU A 4 -19.32 -9.12 -4.00
CA LEU A 4 -17.90 -8.77 -4.04
C LEU A 4 -17.70 -7.28 -4.37
N TYR A 5 -16.48 -6.79 -4.18
CA TYR A 5 -16.15 -5.39 -4.46
C TYR A 5 -16.62 -4.97 -5.85
N ASN A 6 -17.60 -4.07 -5.89
CA ASN A 6 -18.15 -3.58 -7.15
C ASN A 6 -18.37 -2.06 -7.08
N GLN A 7 -19.23 -1.63 -6.16
CA GLN A 7 -19.53 -0.21 -6.00
C GLN A 7 -19.24 0.24 -4.56
N GLN A 8 -18.17 1.03 -4.40
CA GLN A 8 -17.78 1.54 -3.09
C GLN A 8 -17.50 3.04 -3.14
N VAL A 9 -18.07 3.78 -2.19
CA VAL A 9 -17.89 5.23 -2.13
C VAL A 9 -17.59 5.68 -0.70
N GLY A 10 -16.33 6.06 -0.45
CA GLY A 10 -15.93 6.51 0.87
C GLY A 10 -14.43 6.72 0.99
N ASP A 11 -13.96 6.94 2.21
CA ASP A 11 -12.53 7.15 2.46
C ASP A 11 -11.83 5.83 2.79
N CYS A 12 -11.89 4.89 1.85
CA CYS A 12 -11.26 3.58 2.03
C CYS A 12 -11.25 2.78 0.73
N CYS A 13 -10.23 1.93 0.57
CA CYS A 13 -10.10 1.11 -0.62
C CYS A 13 -9.22 -0.12 -0.35
N ILE A 14 -8.97 -0.92 -1.38
CA ILE A 14 -8.14 -2.11 -1.23
C ILE A 14 -6.90 -1.99 -2.10
N ILE A 15 -5.74 -2.21 -1.49
CA ILE A 15 -4.47 -2.12 -2.21
C ILE A 15 -3.65 -3.40 -2.07
N ARG A 16 -3.07 -3.83 -3.18
CA ARG A 16 -2.24 -5.03 -3.19
C ARG A 16 -0.79 -4.62 -2.91
N VAL A 17 -0.35 -4.86 -1.68
CA VAL A 17 1.01 -4.50 -1.25
C VAL A 17 2.02 -5.61 -1.55
N SER A 18 3.27 -5.21 -1.81
CA SER A 18 4.35 -6.16 -2.09
C SER A 18 5.66 -5.68 -1.47
N LEU A 19 6.28 -6.52 -0.65
CA LEU A 19 7.54 -6.17 0.00
C LEU A 19 8.73 -6.62 -0.85
N ASP A 20 9.71 -5.71 -1.02
CA ASP A 20 10.90 -6.03 -1.82
C ASP A 20 12.13 -5.22 -1.37
N VAL A 21 12.62 -5.52 -0.17
CA VAL A 21 13.80 -4.85 0.38
C VAL A 21 14.55 -5.78 1.33
N ASP A 22 14.13 -5.80 2.59
CA ASP A 22 14.74 -6.67 3.60
C ASP A 22 13.86 -7.88 3.89
N ASN A 23 12.61 -7.83 3.43
CA ASN A 23 11.67 -8.92 3.63
C ASN A 23 10.86 -9.17 2.35
N GLY A 24 11.49 -9.83 1.38
CA GLY A 24 10.82 -10.11 0.11
C GLY A 24 9.61 -11.02 0.28
N ASN A 25 8.43 -10.42 0.36
CA ASN A 25 7.20 -11.17 0.54
C ASN A 25 6.30 -11.11 -0.71
N MET A 26 5.30 -11.98 -0.75
CA MET A 26 4.37 -12.04 -1.88
C MET A 26 3.32 -10.93 -1.78
N TYR A 27 2.68 -10.62 -2.91
CA TYR A 27 1.65 -9.58 -2.97
C TYR A 27 0.48 -9.91 -2.04
N LYS A 28 -0.05 -8.89 -1.37
CA LYS A 28 -1.18 -9.08 -0.45
C LYS A 28 -2.05 -7.83 -0.43
N SER A 29 -3.34 -7.98 -0.75
CA SER A 29 -4.26 -6.85 -0.74
C SER A 29 -4.80 -6.60 0.67
N ILE A 30 -4.84 -5.33 1.05
CA ILE A 30 -5.32 -4.95 2.39
C ILE A 30 -6.30 -3.77 2.32
N LEU A 31 -7.31 -3.78 3.18
CA LEU A 31 -8.30 -2.71 3.21
C LEU A 31 -7.70 -1.47 3.90
N VAL A 32 -7.38 -0.48 3.09
CA VAL A 32 -6.77 0.76 3.58
C VAL A 32 -7.73 1.95 3.42
N THR A 33 -7.36 3.09 4.00
CA THR A 33 -8.18 4.30 3.90
C THR A 33 -7.70 5.19 2.75
N SER A 34 -8.56 6.10 2.31
CA SER A 34 -8.21 7.01 1.21
C SER A 34 -7.19 8.04 1.67
N GLN A 35 -7.22 8.38 2.97
CA GLN A 35 -6.30 9.35 3.55
C GLN A 35 -5.33 8.66 4.51
N ASP A 36 -4.83 7.50 4.11
CA ASP A 36 -3.90 6.74 4.93
C ASP A 36 -2.53 7.41 5.02
N LYS A 37 -1.67 6.90 5.90
CA LYS A 37 -0.33 7.46 6.10
C LYS A 37 0.71 6.35 6.22
N ALA A 38 1.97 6.67 5.88
CA ALA A 38 3.07 5.70 5.94
C ALA A 38 2.96 4.75 7.14
N PRO A 39 2.98 5.28 8.39
CA PRO A 39 2.89 4.46 9.60
C PRO A 39 1.72 3.47 9.57
N ALA A 40 0.60 3.89 9.02
CA ALA A 40 -0.59 3.05 8.92
C ALA A 40 -0.44 2.02 7.80
N VAL A 41 0.20 2.42 6.69
CA VAL A 41 0.41 1.52 5.55
C VAL A 41 1.12 0.24 5.98
N ILE A 42 2.27 0.40 6.64
CA ILE A 42 3.05 -0.74 7.11
C ILE A 42 2.23 -1.59 8.09
N ARG A 43 1.45 -0.91 8.95
CA ARG A 43 0.61 -1.60 9.91
C ARG A 43 -0.31 -2.62 9.22
N LYS A 44 -0.97 -2.18 8.15
CA LYS A 44 -1.88 -3.07 7.40
C LYS A 44 -1.09 -4.11 6.62
N ALA A 45 0.02 -3.70 6.01
CA ALA A 45 0.87 -4.61 5.25
C ALA A 45 1.46 -5.69 6.16
N MET A 46 1.86 -5.30 7.37
CA MET A 46 2.42 -6.25 8.34
C MET A 46 1.38 -7.26 8.79
N ASP A 47 0.10 -6.86 8.80
CA ASP A 47 -0.99 -7.75 9.19
C ASP A 47 -0.99 -8.99 8.29
N LYS A 48 -0.74 -8.78 7.00
CA LYS A 48 -0.68 -9.87 6.04
C LYS A 48 0.74 -10.43 5.96
N HIS A 49 1.73 -9.57 6.18
CA HIS A 49 3.13 -9.95 6.16
C HIS A 49 3.72 -9.89 7.57
N ASN A 50 3.11 -10.62 8.50
CA ASN A 50 3.56 -10.64 9.89
C ASN A 50 4.85 -11.46 10.04
N LEU A 51 5.89 -11.06 9.28
CA LEU A 51 7.18 -11.74 9.33
C LEU A 51 8.33 -10.73 9.40
N GLU A 52 8.58 -10.22 10.60
CA GLU A 52 9.65 -9.25 10.83
C GLU A 52 9.52 -8.01 9.93
N GLU A 53 8.28 -7.67 9.58
CA GLU A 53 7.99 -6.51 8.74
C GLU A 53 7.06 -5.53 9.47
N GLU A 54 7.38 -5.24 10.73
CA GLU A 54 6.58 -4.33 11.54
C GLU A 54 7.34 -3.03 11.85
N GLU A 55 7.39 -2.13 10.87
CA GLU A 55 8.06 -0.84 11.03
C GLU A 55 7.28 0.25 10.30
N PRO A 56 6.40 0.97 11.01
CA PRO A 56 5.56 2.03 10.42
C PRO A 56 6.35 3.24 9.92
N GLU A 57 7.43 3.59 10.62
CA GLU A 57 8.25 4.73 10.23
C GLU A 57 9.61 4.30 9.65
N ASP A 58 9.59 3.21 8.87
CA ASP A 58 10.83 2.70 8.27
C ASP A 58 10.62 2.16 6.86
N TYR A 59 9.52 2.51 6.20
CA TYR A 59 9.26 2.00 4.86
C TYR A 59 8.87 3.08 3.85
N GLU A 60 9.04 2.71 2.58
CA GLU A 60 8.71 3.58 1.46
C GLU A 60 7.56 2.95 0.66
N LEU A 61 6.77 3.77 0.00
CA LEU A 61 5.64 3.26 -0.77
C LEU A 61 5.79 3.50 -2.27
N LEU A 62 5.60 2.42 -3.04
CA LEU A 62 5.67 2.48 -4.50
C LEU A 62 4.36 1.98 -5.09
N GLN A 63 4.06 2.34 -6.33
CA GLN A 63 2.80 1.90 -6.95
C GLN A 63 2.92 1.67 -8.44
N ILE A 64 2.30 0.58 -8.90
CA ILE A 64 2.28 0.22 -10.30
C ILE A 64 0.91 0.55 -10.89
N LEU A 65 0.87 1.51 -11.81
CA LEU A 65 -0.39 1.94 -12.43
C LEU A 65 -0.29 1.93 -13.95
N SER A 66 -1.26 2.56 -14.61
CA SER A 66 -1.30 2.64 -16.07
C SER A 66 -0.70 3.96 -16.52
N ASP A 67 -1.40 5.06 -16.22
CA ASP A 67 -0.92 6.40 -16.55
C ASP A 67 0.37 6.70 -15.80
N ASP A 68 0.53 6.04 -14.64
CA ASP A 68 1.72 6.20 -13.81
C ASP A 68 2.37 4.84 -13.61
N ARG A 69 2.69 4.18 -14.74
CA ARG A 69 3.31 2.84 -14.77
C ARG A 69 3.88 2.40 -13.43
N LYS A 70 4.87 3.12 -12.92
CA LYS A 70 5.47 2.80 -11.63
C LYS A 70 5.94 4.06 -10.92
N LEU A 71 5.38 4.32 -9.74
CA LEU A 71 5.74 5.49 -8.95
C LEU A 71 6.27 5.08 -7.58
N LYS A 72 7.09 5.94 -6.97
CA LYS A 72 7.66 5.67 -5.66
C LYS A 72 7.71 6.93 -4.80
N ILE A 73 7.14 6.84 -3.62
CA ILE A 73 7.11 7.97 -2.68
C ILE A 73 7.97 7.66 -1.46
N PRO A 74 8.72 8.68 -0.97
CA PRO A 74 9.60 8.53 0.20
C PRO A 74 8.86 8.02 1.44
N GLU A 75 9.59 7.83 2.54
CA GLU A 75 9.02 7.36 3.80
C GLU A 75 7.70 8.05 4.14
N ASN A 76 7.53 9.30 3.72
CA ASN A 76 6.30 10.05 3.98
C ASN A 76 5.18 9.61 3.02
N ALA A 77 4.77 8.34 3.15
CA ALA A 77 3.71 7.77 2.31
C ALA A 77 2.37 8.52 2.46
N ASN A 78 2.28 9.39 3.47
CA ASN A 78 1.07 10.19 3.72
C ASN A 78 0.57 10.84 2.41
N VAL A 79 1.51 11.32 1.60
CA VAL A 79 1.18 11.97 0.33
C VAL A 79 0.99 10.94 -0.80
N PHE A 80 1.69 9.81 -0.70
CA PHE A 80 1.61 8.74 -1.71
C PHE A 80 0.16 8.36 -2.04
N TYR A 81 -0.69 8.26 -1.01
CA TYR A 81 -2.09 7.89 -1.21
C TYR A 81 -2.85 8.90 -2.09
N ALA A 82 -2.40 10.16 -2.08
CA ALA A 82 -3.03 11.20 -2.88
C ALA A 82 -2.39 11.30 -4.28
N MET A 83 -1.50 10.35 -4.61
CA MET A 83 -0.82 10.35 -5.90
C MET A 83 -1.06 9.04 -6.66
N ASN A 84 -0.94 7.91 -5.95
CA ASN A 84 -1.13 6.59 -6.56
C ASN A 84 -2.62 6.28 -6.82
N SER A 85 -3.51 6.86 -6.03
CA SER A 85 -4.95 6.63 -6.16
C SER A 85 -5.50 7.31 -7.43
N THR A 86 -5.25 6.68 -8.58
CA THR A 86 -5.72 7.21 -9.87
C THR A 86 -6.49 6.16 -10.66
N ALA A 87 -5.93 4.95 -10.75
CA ALA A 87 -6.58 3.86 -11.48
C ALA A 87 -6.30 2.50 -10.82
N ASN A 88 -5.10 1.96 -11.05
CA ASN A 88 -4.70 0.68 -10.47
C ASN A 88 -4.36 0.85 -8.99
N TYR A 89 -4.20 -0.27 -8.29
CA TYR A 89 -3.87 -0.23 -6.86
C TYR A 89 -2.86 -1.33 -6.48
N ASP A 90 -1.81 -1.46 -7.29
CA ASP A 90 -0.75 -2.43 -7.04
C ASP A 90 0.49 -1.72 -6.52
N PHE A 91 0.57 -1.58 -5.20
CA PHE A 91 1.68 -0.88 -4.58
C PHE A 91 2.72 -1.79 -3.93
N VAL A 92 3.94 -1.28 -3.88
CA VAL A 92 5.07 -2.00 -3.30
C VAL A 92 5.53 -1.36 -2.00
N LEU A 93 5.62 -2.16 -0.95
CA LEU A 93 6.05 -1.71 0.36
C LEU A 93 7.55 -2.02 0.55
N LYS A 94 8.39 -1.07 0.17
CA LYS A 94 9.84 -1.24 0.28
C LYS A 94 10.41 -0.47 1.46
N LYS A 95 11.04 -1.18 2.40
CA LYS A 95 11.64 -0.54 3.57
C LYS A 95 12.69 0.48 3.15
N ARG A 96 12.65 1.66 3.77
CA ARG A 96 13.59 2.72 3.47
C ARG A 96 14.97 2.40 4.04
N THR A 97 15.80 1.75 3.24
CA THR A 97 17.15 1.37 3.66
C THR A 97 18.17 1.65 2.54
N ALA A 1 -26.03 -11.46 1.90
CA ALA A 1 -26.31 -10.02 2.12
C ALA A 1 -25.78 -9.17 0.97
N LEU A 2 -24.47 -9.21 0.74
CA LEU A 2 -23.85 -8.44 -0.34
C LEU A 2 -22.75 -9.25 -1.02
N PRO A 3 -22.35 -8.85 -2.24
CA PRO A 3 -21.30 -9.54 -3.00
C PRO A 3 -19.90 -9.03 -2.67
N LEU A 4 -18.90 -9.56 -3.38
CA LEU A 4 -17.51 -9.16 -3.17
C LEU A 4 -17.28 -7.70 -3.57
N TYR A 5 -16.12 -7.15 -3.19
CA TYR A 5 -15.78 -5.76 -3.51
C TYR A 5 -15.97 -5.46 -4.99
N ASN A 6 -16.99 -4.65 -5.29
CA ASN A 6 -17.30 -4.27 -6.67
C ASN A 6 -17.54 -2.76 -6.77
N GLN A 7 -18.61 -2.30 -6.11
CA GLN A 7 -18.96 -0.88 -6.12
C GLN A 7 -18.97 -0.31 -4.70
N GLN A 8 -18.00 0.55 -4.41
CA GLN A 8 -17.89 1.16 -3.08
C GLN A 8 -17.83 2.68 -3.20
N VAL A 9 -18.58 3.37 -2.34
CA VAL A 9 -18.61 4.83 -2.33
C VAL A 9 -18.22 5.39 -0.96
N GLY A 10 -16.99 5.91 -0.87
CA GLY A 10 -16.51 6.46 0.38
C GLY A 10 -15.09 7.01 0.26
N ASP A 11 -14.26 6.74 1.27
CA ASP A 11 -12.88 7.20 1.27
C ASP A 11 -11.92 6.05 1.56
N CYS A 12 -12.18 4.90 0.95
CA CYS A 12 -11.33 3.72 1.13
C CYS A 12 -11.44 2.77 -0.06
N CYS A 13 -10.41 1.96 -0.25
CA CYS A 13 -10.37 1.00 -1.35
C CYS A 13 -9.50 -0.21 -1.00
N ILE A 14 -9.30 -1.09 -1.96
CA ILE A 14 -8.45 -2.27 -1.74
C ILE A 14 -7.03 -1.96 -2.16
N ILE A 15 -6.09 -2.62 -1.50
CA ILE A 15 -4.68 -2.40 -1.78
C ILE A 15 -3.91 -3.70 -1.84
N ARG A 16 -3.12 -3.86 -2.90
CA ARG A 16 -2.29 -5.04 -3.08
C ARG A 16 -0.82 -4.64 -2.90
N VAL A 17 -0.35 -4.79 -1.66
CA VAL A 17 1.01 -4.41 -1.29
C VAL A 17 2.03 -5.51 -1.63
N SER A 18 3.28 -5.11 -1.85
CA SER A 18 4.37 -6.06 -2.16
C SER A 18 5.68 -5.60 -1.53
N LEU A 19 6.27 -6.45 -0.69
CA LEU A 19 7.53 -6.14 -0.04
C LEU A 19 8.72 -6.62 -0.89
N ASP A 20 9.77 -5.80 -0.97
CA ASP A 20 10.95 -6.14 -1.76
C ASP A 20 12.18 -5.34 -1.33
N VAL A 21 12.69 -5.64 -0.13
CA VAL A 21 13.88 -4.97 0.40
C VAL A 21 14.64 -5.90 1.33
N ASP A 22 14.20 -5.98 2.59
CA ASP A 22 14.82 -6.85 3.58
C ASP A 22 13.95 -8.07 3.87
N ASN A 23 12.75 -8.09 3.29
CA ASN A 23 11.81 -9.19 3.48
C ASN A 23 11.11 -9.53 2.16
N GLY A 24 11.73 -10.41 1.37
CA GLY A 24 11.17 -10.82 0.10
C GLY A 24 9.95 -11.70 0.26
N ASN A 25 8.79 -11.09 0.47
CA ASN A 25 7.54 -11.82 0.64
C ASN A 25 6.64 -11.70 -0.59
N MET A 26 5.60 -12.53 -0.63
CA MET A 26 4.64 -12.53 -1.74
C MET A 26 3.65 -11.37 -1.61
N TYR A 27 2.91 -11.11 -2.69
CA TYR A 27 1.92 -10.03 -2.70
C TYR A 27 0.83 -10.27 -1.66
N LYS A 28 0.32 -9.18 -1.08
CA LYS A 28 -0.74 -9.27 -0.07
C LYS A 28 -1.68 -8.08 -0.18
N SER A 29 -2.98 -8.34 -0.32
CA SER A 29 -3.97 -7.27 -0.44
C SER A 29 -4.66 -7.00 0.89
N ILE A 30 -4.98 -5.73 1.13
CA ILE A 30 -5.66 -5.30 2.36
C ILE A 30 -6.48 -4.02 2.12
N LEU A 31 -7.53 -3.83 2.91
CA LEU A 31 -8.39 -2.65 2.78
C LEU A 31 -7.69 -1.42 3.36
N VAL A 32 -7.67 -0.34 2.58
CA VAL A 32 -7.01 0.90 3.00
C VAL A 32 -7.82 2.13 2.57
N THR A 33 -7.53 3.28 3.17
CA THR A 33 -8.22 4.52 2.81
C THR A 33 -7.56 5.15 1.58
N SER A 34 -8.31 5.98 0.86
CA SER A 34 -7.78 6.64 -0.33
C SER A 34 -6.60 7.56 0.02
N GLN A 35 -6.59 8.07 1.25
CA GLN A 35 -5.53 8.95 1.72
C GLN A 35 -4.90 8.42 3.01
N ASP A 36 -4.43 7.18 2.97
CA ASP A 36 -3.80 6.55 4.14
C ASP A 36 -2.46 7.21 4.45
N LYS A 37 -1.79 6.73 5.49
CA LYS A 37 -0.50 7.30 5.91
C LYS A 37 0.56 6.22 6.08
N ALA A 38 1.82 6.59 5.82
CA ALA A 38 2.95 5.67 5.94
C ALA A 38 2.82 4.68 7.11
N PRO A 39 2.81 5.19 8.38
CA PRO A 39 2.70 4.32 9.56
C PRO A 39 1.52 3.35 9.49
N ALA A 40 0.39 3.81 8.97
CA ALA A 40 -0.80 2.97 8.84
C ALA A 40 -0.62 1.96 7.70
N VAL A 41 0.03 2.39 6.62
CA VAL A 41 0.27 1.52 5.47
C VAL A 41 1.06 0.28 5.87
N ILE A 42 2.21 0.50 6.51
CA ILE A 42 3.05 -0.62 6.96
C ILE A 42 2.30 -1.45 8.00
N ARG A 43 1.51 -0.78 8.84
CA ARG A 43 0.74 -1.48 9.87
C ARG A 43 -0.17 -2.52 9.23
N LYS A 44 -0.88 -2.14 8.16
CA LYS A 44 -1.77 -3.05 7.46
C LYS A 44 -0.96 -4.10 6.68
N ALA A 45 0.09 -3.64 5.99
CA ALA A 45 0.94 -4.54 5.22
C ALA A 45 1.59 -5.58 6.14
N MET A 46 1.98 -5.16 7.35
CA MET A 46 2.58 -6.07 8.34
C MET A 46 1.58 -7.14 8.75
N ASP A 47 0.30 -6.78 8.82
CA ASP A 47 -0.76 -7.74 9.18
C ASP A 47 -0.80 -8.89 8.17
N LYS A 48 -0.38 -8.60 6.94
CA LYS A 48 -0.32 -9.61 5.89
C LYS A 48 1.11 -10.14 5.72
N HIS A 49 2.07 -9.41 6.30
CA HIS A 49 3.48 -9.77 6.24
C HIS A 49 4.08 -9.83 7.64
N ASN A 50 3.41 -10.53 8.55
CA ASN A 50 3.87 -10.65 9.94
C ASN A 50 5.17 -11.48 10.03
N LEU A 51 6.17 -11.07 9.26
CA LEU A 51 7.47 -11.75 9.25
C LEU A 51 8.61 -10.73 9.25
N GLU A 52 8.88 -10.15 10.42
CA GLU A 52 9.93 -9.15 10.57
C GLU A 52 9.70 -7.95 9.64
N GLU A 53 8.43 -7.65 9.38
CA GLU A 53 8.06 -6.53 8.52
C GLU A 53 7.07 -5.60 9.22
N GLU A 54 7.32 -5.33 10.51
CA GLU A 54 6.45 -4.47 11.30
C GLU A 54 7.18 -3.18 11.72
N GLU A 55 7.33 -2.27 10.77
CA GLU A 55 7.99 -0.99 11.02
C GLU A 55 7.25 0.14 10.29
N PRO A 56 6.30 0.81 10.98
CA PRO A 56 5.49 1.89 10.38
C PRO A 56 6.30 3.10 9.90
N GLU A 57 7.40 3.40 10.57
CA GLU A 57 8.23 4.54 10.21
C GLU A 57 9.60 4.11 9.65
N ASP A 58 9.64 2.97 8.98
CA ASP A 58 10.90 2.46 8.41
C ASP A 58 10.76 2.02 6.95
N TYR A 59 9.69 2.41 6.27
CA TYR A 59 9.49 1.98 4.90
C TYR A 59 9.24 3.11 3.91
N GLU A 60 9.38 2.76 2.64
CA GLU A 60 9.13 3.65 1.52
C GLU A 60 7.98 3.07 0.71
N LEU A 61 7.12 3.91 0.18
CA LEU A 61 5.97 3.41 -0.57
C LEU A 61 6.04 3.69 -2.06
N LEU A 62 5.72 2.66 -2.84
CA LEU A 62 5.69 2.74 -4.30
C LEU A 62 4.33 2.24 -4.80
N GLN A 63 3.94 2.63 -6.01
CA GLN A 63 2.64 2.20 -6.54
C GLN A 63 2.69 1.88 -8.04
N ILE A 64 1.98 0.83 -8.40
CA ILE A 64 1.87 0.37 -9.78
C ILE A 64 0.45 0.66 -10.28
N LEU A 65 0.34 1.48 -11.32
CA LEU A 65 -0.96 1.83 -11.88
C LEU A 65 -0.97 1.68 -13.41
N SER A 66 -1.87 2.41 -14.07
CA SER A 66 -1.99 2.36 -15.53
C SER A 66 -1.35 3.61 -16.13
N ASP A 67 -2.01 4.76 -15.93
CA ASP A 67 -1.48 6.03 -16.42
C ASP A 67 -0.18 6.36 -15.70
N ASP A 68 0.01 5.75 -14.53
CA ASP A 68 1.21 5.93 -13.73
C ASP A 68 1.83 4.56 -13.43
N ARG A 69 2.00 3.78 -14.51
CA ARG A 69 2.55 2.41 -14.46
C ARG A 69 3.22 2.07 -13.13
N LYS A 70 4.27 2.82 -12.79
CA LYS A 70 4.98 2.61 -11.53
C LYS A 70 5.57 3.92 -11.02
N LEU A 71 5.42 4.16 -9.72
CA LEU A 71 5.92 5.37 -9.08
C LEU A 71 6.33 5.09 -7.64
N LYS A 72 7.31 5.84 -7.13
CA LYS A 72 7.78 5.64 -5.77
C LYS A 72 7.92 6.97 -5.02
N ILE A 73 7.47 6.97 -3.76
CA ILE A 73 7.54 8.16 -2.92
C ILE A 73 8.20 7.83 -1.58
N PRO A 74 9.01 8.77 -1.05
CA PRO A 74 9.72 8.61 0.23
C PRO A 74 8.83 8.14 1.38
N GLU A 75 9.45 7.93 2.54
CA GLU A 75 8.77 7.45 3.76
C GLU A 75 7.47 8.23 4.05
N ASN A 76 7.35 9.45 3.53
CA ASN A 76 6.15 10.26 3.76
C ASN A 76 4.99 9.81 2.86
N ALA A 77 4.63 8.52 2.98
CA ALA A 77 3.53 7.95 2.19
C ALA A 77 2.21 8.69 2.43
N ASN A 78 2.13 9.40 3.55
CA ASN A 78 0.93 10.17 3.90
C ASN A 78 0.42 10.97 2.70
N VAL A 79 1.35 11.68 2.05
CA VAL A 79 1.02 12.49 0.87
C VAL A 79 0.97 11.65 -0.40
N PHE A 80 1.78 10.59 -0.42
CA PHE A 80 1.87 9.68 -1.56
C PHE A 80 0.49 9.10 -1.92
N TYR A 81 -0.29 8.75 -0.91
CA TYR A 81 -1.63 8.19 -1.14
C TYR A 81 -2.56 9.20 -1.81
N ALA A 82 -2.36 10.48 -1.54
CA ALA A 82 -3.19 11.53 -2.14
C ALA A 82 -2.67 11.95 -3.52
N MET A 83 -1.78 11.14 -4.12
CA MET A 83 -1.21 11.45 -5.43
C MET A 83 -1.34 10.27 -6.40
N ASN A 84 -0.96 9.08 -5.94
CA ASN A 84 -1.03 7.88 -6.78
C ASN A 84 -2.44 7.30 -6.89
N SER A 85 -3.23 7.41 -5.81
CA SER A 85 -4.61 6.86 -5.81
C SER A 85 -5.48 7.50 -6.89
N THR A 86 -5.37 7.01 -8.12
CA THR A 86 -6.16 7.53 -9.24
C THR A 86 -6.97 6.43 -9.95
N ALA A 87 -6.44 5.20 -10.01
CA ALA A 87 -7.14 4.09 -10.66
C ALA A 87 -6.80 2.76 -9.99
N ASN A 88 -5.61 2.24 -10.29
CA ASN A 88 -5.16 0.97 -9.72
C ASN A 88 -4.65 1.17 -8.29
N TYR A 89 -4.51 0.07 -7.53
CA TYR A 89 -4.03 0.16 -6.16
C TYR A 89 -3.04 -0.97 -5.84
N ASP A 90 -2.10 -1.20 -6.76
CA ASP A 90 -1.07 -2.22 -6.57
C ASP A 90 0.23 -1.55 -6.20
N PHE A 91 0.45 -1.42 -4.89
CA PHE A 91 1.64 -0.73 -4.40
C PHE A 91 2.71 -1.65 -3.83
N VAL A 92 3.93 -1.11 -3.82
CA VAL A 92 5.10 -1.82 -3.32
C VAL A 92 5.55 -1.21 -1.98
N LEU A 93 5.75 -2.08 -1.00
CA LEU A 93 6.19 -1.65 0.32
C LEU A 93 7.67 -1.99 0.52
N LYS A 94 8.53 -1.03 0.17
CA LYS A 94 9.98 -1.22 0.29
C LYS A 94 10.55 -0.52 1.52
N LYS A 95 11.08 -1.31 2.45
CA LYS A 95 11.66 -0.78 3.68
C LYS A 95 12.91 0.05 3.37
N ARG A 96 13.05 1.18 4.06
CA ARG A 96 14.18 2.07 3.87
C ARG A 96 15.42 1.55 4.62
N THR A 97 16.45 1.18 3.86
CA THR A 97 17.68 0.66 4.43
C THR A 97 18.89 0.97 3.55
#